data_4NVT
#
_entry.id   4NVT
#
_cell.length_a   51.910
_cell.length_b   60.600
_cell.length_c   86.170
_cell.angle_alpha   104.57
_cell.angle_beta   99.46
_cell.angle_gamma   90.31
#
_symmetry.space_group_name_H-M   'P 1'
#
loop_
_entity.id
_entity.type
_entity.pdbx_description
1 polymer 'Triosephosphate isomerase'
2 water water
#
_entity_poly.entity_id   1
_entity_poly.type   'polypeptide(L)'
_entity_poly.pdbx_seq_one_letter_code
;MAHHHHHHMTPGIRPLVAGNWKMNGKGESLTELRAIAAGLSSDLGRKLDAVICVPATLLSRAAETLEGETVGLGGQDAHF
KTSGAHTGDISPEMLKEAGATHVILGHSERRTDHHESNKLICAKTEAAWAAGLVAIVCVGETASERKAERALDVIGDQLS
GSLPDGVTAENTIIAYEPVWAIGTGLTPTVQDVRAAHAFMREQLIERFGAKGAHLRLLYGGSVKPSNAAELLGVADVDGA
LVGGASLKAADFLAICETYRNL
;
_entity_poly.pdbx_strand_id   A,B,C,D
#
# COMPACT_ATOMS: atom_id res chain seq x y z
N ILE A 13 18.74 -15.18 -0.09
CA ILE A 13 17.32 -14.92 -0.54
C ILE A 13 16.48 -14.41 0.65
N ARG A 14 15.88 -13.23 0.50
CA ARG A 14 15.03 -12.62 1.54
C ARG A 14 13.72 -13.40 1.80
N PRO A 15 13.47 -13.81 3.05
CA PRO A 15 12.35 -14.71 3.33
C PRO A 15 10.99 -14.02 3.29
N LEU A 16 9.98 -14.82 2.98
CA LEU A 16 8.62 -14.34 2.84
C LEU A 16 7.69 -15.26 3.61
N VAL A 17 6.98 -14.70 4.55
CA VAL A 17 5.90 -15.41 5.20
C VAL A 17 4.58 -14.93 4.59
N ALA A 18 3.94 -15.83 3.85
CA ALA A 18 2.66 -15.57 3.25
C ALA A 18 1.56 -16.29 3.99
N GLY A 19 0.41 -15.66 4.15
CA GLY A 19 -0.69 -16.25 4.88
C GLY A 19 -1.83 -16.44 3.92
N ASN A 20 -2.46 -17.61 4.03
CA ASN A 20 -3.55 -17.97 3.18
C ASN A 20 -4.77 -18.09 4.08
N TRP A 21 -5.66 -17.12 4.02
CA TRP A 21 -6.87 -17.16 4.82
C TRP A 21 -7.91 -18.15 4.35
N LYS A 22 -7.73 -18.63 3.12
CA LYS A 22 -8.72 -19.46 2.47
C LYS A 22 -10.11 -18.75 2.52
N MET A 23 -11.21 -19.46 2.65
CA MET A 23 -12.51 -18.80 2.58
C MET A 23 -12.86 -18.39 4.01
N ASN A 24 -12.13 -17.41 4.51
CA ASN A 24 -12.35 -16.81 5.84
C ASN A 24 -11.99 -15.35 5.71
N GLY A 25 -12.82 -14.49 6.26
CA GLY A 25 -12.53 -13.06 6.29
C GLY A 25 -13.64 -12.15 5.77
N LYS A 26 -13.97 -11.18 6.61
CA LYS A 26 -14.98 -10.15 6.39
C LYS A 26 -14.48 -8.85 7.01
N GLY A 27 -15.33 -7.84 6.99
CA GLY A 27 -14.99 -6.54 7.57
C GLY A 27 -14.43 -6.70 8.96
N GLU A 28 -15.07 -7.52 9.77
CA GLU A 28 -14.64 -7.69 11.16
C GLU A 28 -13.19 -8.26 11.26
N SER A 29 -12.70 -8.93 10.20
CA SER A 29 -11.35 -9.51 10.19
C SER A 29 -10.21 -8.51 9.96
N LEU A 30 -10.55 -7.27 9.61
CA LEU A 30 -9.55 -6.31 9.17
C LEU A 30 -8.63 -5.89 10.31
N THR A 31 -9.09 -6.03 11.55
CA THR A 31 -8.27 -5.66 12.69
C THR A 31 -7.08 -6.59 12.80
N GLU A 32 -7.27 -7.85 12.38
CA GLU A 32 -6.15 -8.82 12.35
C GLU A 32 -5.01 -8.40 11.41
N LEU A 33 -5.36 -7.79 10.29
CA LEU A 33 -4.38 -7.31 9.33
C LEU A 33 -3.63 -6.15 9.92
N ARG A 34 -4.41 -5.28 10.54
CA ARG A 34 -3.89 -4.17 11.32
C ARG A 34 -2.89 -4.67 12.36
N ALA A 35 -3.26 -5.67 13.17
CA ALA A 35 -2.32 -6.17 14.20
C ALA A 35 -1.05 -6.79 13.60
N ILE A 36 -1.20 -7.50 12.50
CA ILE A 36 -0.05 -8.07 11.81
C ILE A 36 0.88 -6.95 11.35
N ALA A 37 0.33 -5.95 10.67
CA ALA A 37 1.16 -4.79 10.26
C ALA A 37 1.97 -4.22 11.42
N ALA A 38 1.31 -4.08 12.57
CA ALA A 38 1.91 -3.42 13.73
C ALA A 38 2.97 -4.28 14.36
N GLY A 39 2.75 -5.59 14.41
CA GLY A 39 3.79 -6.50 14.86
C GLY A 39 5.04 -6.54 13.99
N LEU A 40 4.92 -6.13 12.74
CA LEU A 40 5.99 -6.25 11.80
C LEU A 40 6.62 -4.89 11.55
N SER A 41 6.19 -3.90 12.34
CA SER A 41 6.81 -2.57 12.38
C SER A 41 8.15 -2.60 13.11
N SER A 42 8.39 -3.61 13.95
CA SER A 42 9.65 -3.75 14.70
C SER A 42 10.86 -3.91 13.79
N ASP A 43 12.01 -4.17 14.40
CA ASP A 43 13.21 -4.57 13.65
C ASP A 43 12.92 -5.83 12.79
N LEU A 44 11.84 -6.54 13.13
CA LEU A 44 11.46 -7.79 12.47
C LEU A 44 11.22 -7.64 10.98
N GLY A 45 10.27 -6.80 10.63
CA GLY A 45 9.87 -6.62 9.23
C GLY A 45 10.94 -6.06 8.31
N ARG A 46 12.04 -5.56 8.86
CA ARG A 46 13.14 -5.12 8.01
C ARG A 46 13.81 -6.33 7.39
N LYS A 47 13.68 -7.48 8.04
CA LYS A 47 14.36 -8.70 7.62
C LYS A 47 13.49 -9.66 6.77
N LEU A 48 12.16 -9.49 6.76
CA LEU A 48 11.31 -10.44 6.03
C LEU A 48 10.14 -9.75 5.31
N ASP A 49 9.61 -10.40 4.28
CA ASP A 49 8.44 -9.87 3.60
C ASP A 49 7.23 -10.67 4.11
N ALA A 50 6.07 -10.04 4.07
CA ALA A 50 4.87 -10.67 4.53
C ALA A 50 3.76 -10.30 3.55
N VAL A 51 2.91 -11.28 3.25
CA VAL A 51 1.76 -11.12 2.37
C VAL A 51 0.64 -11.93 2.98
N ILE A 52 -0.55 -11.36 3.03
CA ILE A 52 -1.72 -12.05 3.49
C ILE A 52 -2.67 -12.15 2.29
N CYS A 53 -3.13 -13.37 2.00
CA CYS A 53 -4.00 -13.61 0.89
C CYS A 53 -5.42 -13.80 1.40
N VAL A 54 -6.30 -12.85 1.07
CA VAL A 54 -7.60 -12.73 1.62
C VAL A 54 -8.66 -12.97 0.55
N PRO A 55 -9.88 -13.24 0.97
CA PRO A 55 -10.93 -13.39 0.00
C PRO A 55 -11.06 -12.20 -0.92
N ALA A 56 -11.34 -12.43 -2.19
CA ALA A 56 -11.55 -11.32 -3.14
C ALA A 56 -12.59 -10.25 -2.66
N THR A 57 -13.57 -10.66 -1.90
CA THR A 57 -14.57 -9.70 -1.41
C THR A 57 -13.96 -8.67 -0.44
N LEU A 58 -12.84 -9.04 0.20
CA LEU A 58 -12.26 -8.21 1.25
C LEU A 58 -11.08 -7.43 0.72
N LEU A 59 -10.60 -7.78 -0.46
CA LEU A 59 -9.33 -7.24 -0.91
C LEU A 59 -9.17 -5.72 -0.87
N SER A 60 -10.15 -4.98 -1.40
CA SER A 60 -10.05 -3.55 -1.49
C SER A 60 -10.08 -2.94 -0.11
N ARG A 61 -10.89 -3.50 0.79
CA ARG A 61 -10.90 -3.00 2.17
C ARG A 61 -9.59 -3.32 2.94
N ALA A 62 -9.07 -4.51 2.70
CA ALA A 62 -7.75 -4.87 3.25
C ALA A 62 -6.64 -3.99 2.68
N ALA A 63 -6.75 -3.61 1.40
CA ALA A 63 -5.81 -2.67 0.76
C ALA A 63 -5.84 -1.32 1.49
N GLU A 64 -7.06 -0.85 1.74
CA GLU A 64 -7.25 0.38 2.49
C GLU A 64 -6.67 0.26 3.91
N THR A 65 -6.81 -0.92 4.53
CA THR A 65 -6.36 -1.17 5.88
C THR A 65 -4.82 -1.09 5.96
N LEU A 66 -4.16 -1.56 4.91
CA LEU A 66 -2.71 -1.69 4.95
C LEU A 66 -2.00 -0.59 4.17
N GLU A 67 -2.73 0.47 3.78
CA GLU A 67 -2.16 1.59 3.04
C GLU A 67 -0.92 2.10 3.74
N GLY A 68 0.18 2.22 3.01
CA GLY A 68 1.45 2.65 3.58
C GLY A 68 2.34 1.57 4.18
N GLU A 69 1.76 0.44 4.55
CA GLU A 69 2.44 -0.58 5.36
C GLU A 69 3.27 -1.48 4.48
N THR A 70 4.17 -2.25 5.11
CA THR A 70 5.00 -3.21 4.40
C THR A 70 4.28 -4.52 3.99
N VAL A 71 3.21 -4.88 4.71
CA VAL A 71 2.49 -6.12 4.48
C VAL A 71 1.76 -6.10 3.16
N GLY A 72 2.15 -7.00 2.26
CA GLY A 72 1.50 -7.09 0.96
C GLY A 72 0.19 -7.82 1.05
N LEU A 73 -0.61 -7.72 -0.02
CA LEU A 73 -1.86 -8.40 -0.12
C LEU A 73 -1.86 -9.36 -1.31
N GLY A 74 -2.44 -10.53 -1.10
CA GLY A 74 -2.67 -11.50 -2.18
C GLY A 74 -4.12 -11.86 -2.47
N GLY A 75 -4.39 -12.21 -3.72
CA GLY A 75 -5.60 -12.97 -4.01
C GLY A 75 -5.32 -14.43 -3.83
N GLN A 76 -6.38 -15.23 -3.92
CA GLN A 76 -6.30 -16.67 -3.68
C GLN A 76 -6.50 -17.55 -4.92
N ASP A 77 -6.81 -16.88 -6.02
CA ASP A 77 -6.93 -17.46 -7.34
C ASP A 77 -7.19 -16.29 -8.34
N ALA A 78 -7.02 -16.58 -9.62
CA ALA A 78 -7.39 -15.62 -10.65
C ALA A 78 -7.50 -16.33 -11.96
N HIS A 79 -8.28 -15.72 -12.83
CA HIS A 79 -8.51 -16.22 -14.15
C HIS A 79 -7.31 -16.06 -15.08
N PHE A 80 -7.37 -16.73 -16.22
CA PHE A 80 -6.32 -16.63 -17.27
C PHE A 80 -6.56 -15.57 -18.35
N LYS A 81 -7.76 -14.99 -18.38
CA LYS A 81 -8.08 -13.89 -19.26
C LYS A 81 -8.29 -12.63 -18.43
N THR A 82 -8.16 -11.51 -19.10
CA THR A 82 -8.21 -10.19 -18.52
C THR A 82 -9.68 -9.80 -18.23
N SER A 83 -10.57 -10.28 -19.07
CA SER A 83 -11.97 -9.97 -18.91
C SER A 83 -12.75 -10.91 -19.81
N GLY A 84 -14.07 -10.87 -19.65
CA GLY A 84 -14.95 -11.58 -20.57
C GLY A 84 -16.07 -12.34 -19.86
N ALA A 85 -16.64 -13.28 -20.59
CA ALA A 85 -17.86 -13.97 -20.21
C ALA A 85 -17.52 -15.15 -19.30
N HIS A 86 -17.19 -14.84 -18.08
CA HIS A 86 -16.75 -15.85 -17.15
C HIS A 86 -17.42 -15.53 -15.82
N THR A 87 -18.73 -15.79 -15.78
CA THR A 87 -19.55 -15.34 -14.65
C THR A 87 -18.96 -15.93 -13.37
N GLY A 88 -18.67 -15.08 -12.38
CA GLY A 88 -18.14 -15.52 -11.09
C GLY A 88 -16.61 -15.62 -11.00
N ASP A 89 -15.91 -15.45 -12.12
CA ASP A 89 -14.45 -15.49 -12.11
C ASP A 89 -13.86 -14.08 -11.94
N ILE A 90 -12.65 -14.01 -11.41
CA ILE A 90 -11.99 -12.77 -11.12
C ILE A 90 -10.74 -12.73 -11.96
N SER A 91 -10.54 -11.65 -12.70
CA SER A 91 -9.30 -11.57 -13.48
C SER A 91 -8.13 -11.02 -12.65
N PRO A 92 -6.92 -11.40 -13.03
CA PRO A 92 -5.78 -10.89 -12.26
C PRO A 92 -5.73 -9.34 -12.27
N GLU A 93 -6.35 -8.67 -13.26
CA GLU A 93 -6.36 -7.22 -13.26
C GLU A 93 -7.28 -6.62 -12.21
N MET A 94 -8.35 -7.34 -11.88
CA MET A 94 -9.24 -6.93 -10.83
C MET A 94 -8.54 -7.06 -9.50
N LEU A 95 -7.80 -8.15 -9.31
CA LEU A 95 -7.02 -8.26 -8.07
C LEU A 95 -6.05 -7.11 -7.99
N LYS A 96 -5.26 -6.92 -9.04
CA LYS A 96 -4.29 -5.82 -9.05
C LYS A 96 -4.95 -4.49 -8.74
N GLU A 97 -6.02 -4.16 -9.46
CA GLU A 97 -6.68 -2.86 -9.24
C GLU A 97 -7.27 -2.80 -7.81
N ALA A 98 -7.62 -3.91 -7.18
CA ALA A 98 -8.14 -3.84 -5.79
C ALA A 98 -7.06 -3.68 -4.76
N GLY A 99 -5.79 -3.82 -5.17
CA GLY A 99 -4.66 -3.62 -4.26
C GLY A 99 -3.75 -4.78 -3.96
N ALA A 100 -3.97 -5.92 -4.59
CA ALA A 100 -3.13 -7.05 -4.40
C ALA A 100 -1.83 -6.85 -5.15
N THR A 101 -0.76 -7.40 -4.58
CA THR A 101 0.49 -7.57 -5.30
C THR A 101 0.79 -9.02 -5.67
N HIS A 102 0.11 -9.96 -5.01
CA HIS A 102 0.32 -11.38 -5.23
C HIS A 102 -0.98 -12.10 -5.51
N VAL A 103 -0.87 -13.34 -6.04
CA VAL A 103 -2.00 -14.23 -6.18
C VAL A 103 -1.53 -15.64 -6.04
N ILE A 104 -2.25 -16.41 -5.20
CA ILE A 104 -2.03 -17.82 -5.09
C ILE A 104 -2.67 -18.49 -6.29
N LEU A 105 -1.87 -19.31 -6.93
CA LEU A 105 -2.40 -20.13 -8.03
C LEU A 105 -2.05 -21.62 -7.88
N GLY A 106 -3.04 -22.43 -8.22
CA GLY A 106 -2.83 -23.87 -8.22
C GLY A 106 -2.84 -24.52 -6.83
N HIS A 107 -3.47 -23.84 -5.86
CA HIS A 107 -3.60 -24.40 -4.51
C HIS A 107 -4.24 -25.80 -4.59
N SER A 108 -3.75 -26.76 -3.79
CA SER A 108 -4.30 -28.13 -3.80
C SER A 108 -5.82 -28.16 -3.70
N GLU A 109 -6.40 -27.23 -3.00
CA GLU A 109 -7.86 -27.22 -2.85
C GLU A 109 -8.53 -26.94 -4.19
N ARG A 110 -7.89 -26.12 -5.02
CA ARG A 110 -8.40 -25.83 -6.32
C ARG A 110 -8.03 -26.94 -7.33
N ARG A 111 -6.81 -27.48 -7.22
CA ARG A 111 -6.42 -28.58 -8.06
C ARG A 111 -7.35 -29.78 -7.80
N THR A 112 -7.76 -30.03 -6.56
CA THR A 112 -8.58 -31.18 -6.25
C THR A 112 -10.03 -30.85 -6.46
N ASP A 113 -10.55 -29.81 -5.83
CA ASP A 113 -12.01 -29.56 -5.84
C ASP A 113 -12.48 -28.80 -7.09
N HIS A 114 -11.60 -28.07 -7.75
CA HIS A 114 -12.05 -27.33 -8.92
C HIS A 114 -11.41 -27.93 -10.16
N HIS A 115 -10.75 -29.06 -10.00
CA HIS A 115 -10.17 -29.81 -11.10
C HIS A 115 -9.20 -29.02 -11.97
N GLU A 116 -8.42 -28.15 -11.36
CA GLU A 116 -7.55 -27.26 -12.10
C GLU A 116 -6.33 -28.04 -12.59
N SER A 117 -6.06 -28.00 -13.89
CA SER A 117 -4.95 -28.75 -14.46
C SER A 117 -3.66 -27.90 -14.46
N ASN A 118 -2.53 -28.53 -14.72
CA ASN A 118 -1.25 -27.78 -14.81
C ASN A 118 -1.39 -26.77 -15.91
N LYS A 119 -1.97 -27.21 -17.00
CA LYS A 119 -2.21 -26.34 -18.14
C LYS A 119 -2.98 -25.05 -17.76
N LEU A 120 -4.06 -25.20 -17.00
CA LEU A 120 -4.83 -24.01 -16.55
C LEU A 120 -3.96 -23.08 -15.69
N ILE A 121 -3.20 -23.68 -14.81
CA ILE A 121 -2.41 -22.93 -13.85
C ILE A 121 -1.29 -22.18 -14.56
N CYS A 122 -0.75 -22.80 -15.59
CA CYS A 122 0.22 -22.16 -16.44
C CYS A 122 -0.40 -20.94 -17.10
N ALA A 123 -1.62 -21.09 -17.60
CA ALA A 123 -2.28 -20.00 -18.27
C ALA A 123 -2.60 -18.91 -17.25
N LYS A 124 -3.01 -19.31 -16.06
CA LYS A 124 -3.28 -18.33 -15.01
C LYS A 124 -1.98 -17.59 -14.62
N THR A 125 -0.85 -18.28 -14.54
CA THR A 125 0.40 -17.65 -14.11
C THR A 125 0.86 -16.55 -15.11
N GLU A 126 0.80 -16.82 -16.41
CA GLU A 126 1.09 -15.80 -17.43
C GLU A 126 0.19 -14.61 -17.25
N ALA A 127 -1.11 -14.82 -17.06
CA ALA A 127 -1.98 -13.70 -16.98
C ALA A 127 -1.68 -12.92 -15.68
N ALA A 128 -1.36 -13.62 -14.60
CA ALA A 128 -0.97 -12.93 -13.37
C ALA A 128 0.21 -11.99 -13.63
N TRP A 129 1.26 -12.50 -14.24
CA TRP A 129 2.40 -11.65 -14.62
C TRP A 129 1.99 -10.44 -15.46
N ALA A 130 1.20 -10.69 -16.50
CA ALA A 130 0.77 -9.59 -17.36
C ALA A 130 -0.08 -8.54 -16.63
N ALA A 131 -0.69 -8.93 -15.51
CA ALA A 131 -1.41 -7.97 -14.71
C ALA A 131 -0.55 -7.23 -13.70
N GLY A 132 0.72 -7.58 -13.57
CA GLY A 132 1.58 -6.96 -12.55
C GLY A 132 1.58 -7.67 -11.19
N LEU A 133 1.14 -8.93 -11.15
CA LEU A 133 1.16 -9.70 -9.92
C LEU A 133 2.32 -10.69 -9.88
N VAL A 134 2.82 -10.97 -8.67
CA VAL A 134 3.69 -12.11 -8.41
C VAL A 134 2.83 -13.34 -8.17
N ALA A 135 3.03 -14.40 -8.95
CA ALA A 135 2.28 -15.62 -8.79
C ALA A 135 2.92 -16.49 -7.76
N ILE A 136 2.13 -16.90 -6.74
CA ILE A 136 2.51 -17.92 -5.78
C ILE A 136 1.94 -19.24 -6.23
N VAL A 137 2.76 -20.04 -6.90
CA VAL A 137 2.29 -21.24 -7.58
C VAL A 137 2.51 -22.49 -6.75
N CYS A 138 1.45 -23.20 -6.44
CA CYS A 138 1.50 -24.32 -5.47
C CYS A 138 1.59 -25.66 -6.15
N VAL A 139 2.42 -26.50 -5.57
CA VAL A 139 2.65 -27.85 -6.03
C VAL A 139 2.65 -28.72 -4.82
N GLY A 140 2.45 -30.01 -5.02
CA GLY A 140 2.37 -30.94 -3.89
C GLY A 140 1.75 -32.30 -4.20
N GLU A 141 2.29 -33.37 -3.60
CA GLU A 141 1.81 -34.71 -3.90
C GLU A 141 0.81 -35.17 -2.84
N THR A 142 -0.08 -36.07 -3.25
CA THR A 142 -1.11 -36.68 -2.37
C THR A 142 -0.58 -37.89 -1.65
N ALA A 143 -1.39 -38.45 -0.73
CA ALA A 143 -0.97 -39.63 -0.01
C ALA A 143 -0.94 -40.80 -1.00
N SER A 144 -1.88 -40.79 -1.94
CA SER A 144 -1.89 -41.81 -2.95
C SER A 144 -0.60 -41.79 -3.86
N GLU A 145 -0.16 -40.59 -4.24
CA GLU A 145 1.01 -40.47 -5.10
C GLU A 145 2.28 -40.85 -4.30
N ARG A 146 2.26 -40.57 -3.01
CA ARG A 146 3.35 -40.96 -2.16
C ARG A 146 3.41 -42.47 -1.99
N LYS A 147 2.28 -43.10 -1.70
CA LYS A 147 2.25 -44.54 -1.62
C LYS A 147 2.59 -45.15 -2.98
N ALA A 148 2.37 -44.46 -4.09
CA ALA A 148 2.81 -44.98 -5.40
C ALA A 148 4.33 -44.82 -5.62
N GLU A 149 5.03 -44.20 -4.67
CA GLU A 149 6.46 -43.94 -4.84
C GLU A 149 6.70 -43.01 -6.02
N ARG A 150 5.85 -42.01 -6.20
CA ARG A 150 5.95 -41.08 -7.33
C ARG A 150 5.96 -39.63 -6.82
N ALA A 151 6.30 -39.46 -5.56
CA ALA A 151 6.23 -38.12 -4.92
C ALA A 151 6.94 -37.08 -5.76
N LEU A 152 8.21 -37.36 -6.01
CA LEU A 152 9.08 -36.45 -6.68
C LEU A 152 8.72 -36.32 -8.15
N ASP A 153 8.37 -37.45 -8.78
CA ASP A 153 7.86 -37.45 -10.15
C ASP A 153 6.62 -36.54 -10.31
N VAL A 154 5.69 -36.59 -9.35
CA VAL A 154 4.50 -35.71 -9.37
C VAL A 154 4.87 -34.21 -9.24
N ILE A 155 5.68 -33.88 -8.26
CA ILE A 155 6.11 -32.50 -8.04
C ILE A 155 6.85 -31.98 -9.28
N GLY A 156 7.68 -32.83 -9.87
CA GLY A 156 8.36 -32.48 -11.15
C GLY A 156 7.40 -32.21 -12.30
N ASP A 157 6.41 -33.07 -12.47
CA ASP A 157 5.44 -32.87 -13.54
C ASP A 157 4.64 -31.59 -13.28
N GLN A 158 4.26 -31.35 -12.04
CA GLN A 158 3.52 -30.13 -11.67
C GLN A 158 4.37 -28.88 -11.94
N LEU A 159 5.63 -28.90 -11.58
CA LEU A 159 6.47 -27.72 -11.81
C LEU A 159 6.68 -27.41 -13.30
N SER A 160 6.96 -28.44 -14.10
CA SER A 160 7.14 -28.29 -15.53
C SER A 160 5.88 -27.86 -16.25
N GLY A 161 4.74 -28.39 -15.82
CA GLY A 161 3.48 -28.12 -16.52
C GLY A 161 2.83 -26.84 -16.06
N SER A 162 2.99 -26.47 -14.78
CA SER A 162 2.31 -25.33 -14.22
C SER A 162 3.00 -24.01 -14.47
N LEU A 163 4.31 -24.03 -14.70
CA LEU A 163 5.12 -22.84 -14.78
C LEU A 163 5.44 -22.47 -16.25
N PRO A 164 5.12 -21.24 -16.67
CA PRO A 164 5.50 -20.78 -18.02
C PRO A 164 7.01 -20.55 -18.21
N ASP A 165 7.43 -20.40 -19.46
CA ASP A 165 8.85 -20.29 -19.79
C ASP A 165 9.44 -19.00 -19.28
N GLY A 166 8.58 -17.97 -19.21
CA GLY A 166 8.96 -16.66 -18.67
C GLY A 166 9.17 -16.51 -17.16
N VAL A 167 9.33 -17.57 -16.39
CA VAL A 167 9.54 -17.38 -14.94
C VAL A 167 10.76 -16.47 -14.64
N THR A 168 10.60 -15.51 -13.73
CA THR A 168 11.72 -14.80 -13.14
C THR A 168 11.71 -15.00 -11.66
N ALA A 169 12.81 -14.64 -11.02
CA ALA A 169 12.90 -14.79 -9.59
C ALA A 169 12.01 -13.75 -8.90
N GLU A 170 11.58 -12.77 -9.66
CA GLU A 170 10.75 -11.69 -9.13
C GLU A 170 9.25 -11.89 -9.45
N ASN A 171 8.90 -12.68 -10.45
CA ASN A 171 7.49 -12.76 -10.84
C ASN A 171 6.79 -14.03 -10.33
N THR A 172 7.57 -14.93 -9.76
CA THR A 172 7.10 -16.24 -9.36
C THR A 172 7.68 -16.64 -8.05
N ILE A 173 6.81 -17.11 -7.18
CA ILE A 173 7.18 -17.79 -5.96
C ILE A 173 6.56 -19.18 -5.97
N ILE A 174 7.29 -20.21 -5.53
CA ILE A 174 6.73 -21.54 -5.50
C ILE A 174 6.39 -21.91 -4.09
N ALA A 175 5.24 -22.53 -3.85
CA ALA A 175 4.97 -23.12 -2.55
C ALA A 175 4.66 -24.62 -2.65
N TYR A 176 5.34 -25.39 -1.79
CA TYR A 176 5.17 -26.82 -1.67
C TYR A 176 4.14 -27.18 -0.60
N GLU A 177 3.12 -27.91 -1.01
CA GLU A 177 2.11 -28.41 -0.10
C GLU A 177 2.25 -29.92 0.04
N PRO A 178 2.55 -30.35 1.27
CA PRO A 178 2.60 -31.77 1.52
C PRO A 178 1.20 -32.25 1.73
N VAL A 179 0.51 -32.46 0.62
CA VAL A 179 -0.94 -32.70 0.63
C VAL A 179 -1.20 -34.03 1.32
N TRP A 180 -0.25 -34.96 1.12
CA TRP A 180 -0.26 -36.27 1.80
C TRP A 180 -0.51 -36.25 3.32
N ALA A 181 -0.06 -35.17 3.97
CA ALA A 181 -0.16 -35.03 5.44
C ALA A 181 -1.51 -34.54 5.90
N ILE A 182 -2.25 -33.92 5.00
CA ILE A 182 -3.50 -33.32 5.38
C ILE A 182 -4.45 -34.38 5.97
N GLY A 183 -4.97 -34.06 7.15
CA GLY A 183 -6.00 -34.87 7.75
C GLY A 183 -5.44 -36.02 8.54
N THR A 184 -4.12 -36.20 8.58
CA THR A 184 -3.51 -37.37 9.25
C THR A 184 -3.10 -37.11 10.71
N GLY A 185 -2.97 -35.86 11.11
CA GLY A 185 -2.49 -35.54 12.45
C GLY A 185 -0.97 -35.62 12.63
N LEU A 186 -0.25 -36.05 11.60
CA LEU A 186 1.23 -36.07 11.58
C LEU A 186 1.72 -34.83 10.82
N THR A 187 2.87 -34.30 11.21
CA THR A 187 3.49 -33.20 10.46
C THR A 187 4.77 -33.74 9.83
N PRO A 188 5.03 -33.33 8.56
CA PRO A 188 6.24 -33.70 7.84
C PRO A 188 7.48 -33.45 8.68
N THR A 189 8.46 -34.32 8.54
CA THR A 189 9.73 -34.15 9.21
C THR A 189 10.61 -33.19 8.44
N VAL A 190 11.62 -32.63 9.12
CA VAL A 190 12.64 -31.85 8.42
C VAL A 190 13.24 -32.59 7.23
N GLN A 191 13.34 -33.91 7.36
N GLN A 191 13.36 -33.90 7.29
CA GLN A 191 13.83 -34.75 6.29
CA GLN A 191 13.91 -34.61 6.11
C GLN A 191 12.91 -34.70 5.07
C GLN A 191 12.90 -34.72 5.00
N ASP A 192 11.61 -34.82 5.32
CA ASP A 192 10.58 -34.68 4.25
C ASP A 192 10.68 -33.32 3.57
N VAL A 193 10.76 -32.25 4.35
CA VAL A 193 10.78 -30.87 3.82
C VAL A 193 12.06 -30.64 3.02
N ARG A 194 13.19 -31.08 3.57
CA ARG A 194 14.47 -30.91 2.89
C ARG A 194 14.45 -31.60 1.55
N ALA A 195 14.04 -32.86 1.54
CA ALA A 195 13.97 -33.62 0.29
C ALA A 195 13.05 -32.97 -0.74
N ALA A 196 11.92 -32.42 -0.32
CA ALA A 196 11.01 -31.79 -1.30
C ALA A 196 11.62 -30.51 -1.84
N HIS A 197 12.24 -29.72 -0.97
CA HIS A 197 12.74 -28.45 -1.38
C HIS A 197 14.07 -28.54 -2.17
N ALA A 198 14.95 -29.43 -1.74
CA ALA A 198 16.15 -29.72 -2.51
C ALA A 198 15.74 -30.15 -3.93
N PHE A 199 14.74 -31.02 -4.04
CA PHE A 199 14.26 -31.44 -5.36
C PHE A 199 13.71 -30.30 -6.19
N MET A 200 12.85 -29.48 -5.60
CA MET A 200 12.32 -28.34 -6.33
C MET A 200 13.43 -27.41 -6.79
N ARG A 201 14.45 -27.16 -5.97
CA ARG A 201 15.54 -26.26 -6.36
C ARG A 201 16.32 -26.79 -7.57
N GLU A 202 16.77 -28.03 -7.48
CA GLU A 202 17.43 -28.67 -8.59
C GLU A 202 16.57 -28.56 -9.87
N GLN A 203 15.30 -28.89 -9.82
CA GLN A 203 14.44 -28.83 -11.02
C GLN A 203 14.36 -27.44 -11.68
N LEU A 204 14.20 -26.43 -10.83
CA LEU A 204 14.08 -25.06 -11.24
C LEU A 204 15.42 -24.53 -11.79
N ILE A 205 16.54 -24.94 -11.21
CA ILE A 205 17.87 -24.63 -11.78
C ILE A 205 18.04 -25.31 -13.13
N GLU A 206 17.66 -26.58 -13.27
CA GLU A 206 17.81 -27.26 -14.59
C GLU A 206 17.06 -26.45 -15.61
N ARG A 207 15.81 -26.09 -15.32
CA ARG A 207 15.00 -25.43 -16.32
C ARG A 207 15.30 -23.92 -16.48
N PHE A 208 15.42 -23.18 -15.39
CA PHE A 208 15.53 -21.75 -15.50
C PHE A 208 16.95 -21.19 -15.16
N GLY A 209 17.91 -22.07 -14.91
CA GLY A 209 19.26 -21.61 -14.55
C GLY A 209 19.32 -20.82 -13.26
N ALA A 210 20.12 -19.75 -13.28
CA ALA A 210 20.34 -18.87 -12.12
C ALA A 210 19.08 -18.18 -11.56
N LYS A 211 18.13 -17.84 -12.41
CA LYS A 211 16.82 -17.41 -11.94
C LYS A 211 16.26 -18.47 -10.93
N GLY A 212 16.45 -19.73 -11.29
CA GLY A 212 15.96 -20.84 -10.51
C GLY A 212 16.61 -20.97 -9.15
N ALA A 213 17.86 -20.49 -9.04
CA ALA A 213 18.54 -20.43 -7.73
C ALA A 213 18.05 -19.32 -6.83
N HIS A 214 17.39 -18.32 -7.39
CA HIS A 214 16.92 -17.21 -6.56
C HIS A 214 15.42 -17.23 -6.36
N LEU A 215 14.73 -18.16 -6.98
CA LEU A 215 13.31 -18.35 -6.77
C LEU A 215 13.01 -18.62 -5.28
N ARG A 216 12.13 -17.86 -4.68
CA ARG A 216 11.60 -18.19 -3.34
C ARG A 216 10.74 -19.48 -3.34
N LEU A 217 11.15 -20.41 -2.50
CA LEU A 217 10.47 -21.68 -2.27
C LEU A 217 9.86 -21.73 -0.86
N LEU A 218 8.55 -21.50 -0.81
CA LEU A 218 7.84 -21.49 0.45
C LEU A 218 7.40 -22.88 0.87
N TYR A 219 7.54 -23.15 2.18
CA TYR A 219 7.02 -24.36 2.75
C TYR A 219 5.55 -24.13 3.11
N GLY A 220 4.67 -24.89 2.48
CA GLY A 220 3.25 -24.73 2.66
C GLY A 220 2.58 -25.84 3.47
N GLY A 221 3.33 -26.61 4.23
CA GLY A 221 2.75 -27.57 5.14
C GLY A 221 2.44 -26.90 6.46
N SER A 222 2.02 -27.69 7.41
CA SER A 222 1.64 -27.17 8.71
C SER A 222 2.78 -26.47 9.34
N VAL A 223 2.67 -25.14 9.38
CA VAL A 223 3.66 -24.30 10.03
C VAL A 223 2.95 -23.51 11.09
N LYS A 224 3.48 -23.61 12.30
CA LYS A 224 2.84 -22.95 13.44
C LYS A 224 3.94 -22.45 14.35
N PRO A 225 3.60 -21.49 15.23
CA PRO A 225 4.60 -20.99 16.16
C PRO A 225 5.50 -22.10 16.76
N SER A 226 4.93 -23.27 17.02
CA SER A 226 5.62 -24.39 17.65
C SER A 226 6.73 -25.10 16.82
N ASN A 227 6.61 -25.08 15.48
CA ASN A 227 7.60 -25.78 14.60
C ASN A 227 8.42 -24.92 13.62
N ALA A 228 8.04 -23.64 13.56
CA ALA A 228 8.54 -22.72 12.54
C ALA A 228 10.07 -22.66 12.49
N ALA A 229 10.73 -22.58 13.65
CA ALA A 229 12.20 -22.46 13.69
C ALA A 229 12.95 -23.56 12.94
N GLU A 230 12.63 -24.81 13.24
CA GLU A 230 13.23 -25.98 12.51
C GLU A 230 12.95 -26.02 10.98
N LEU A 231 11.67 -25.90 10.61
CA LEU A 231 11.23 -26.00 9.19
C LEU A 231 11.79 -24.88 8.31
N LEU A 232 11.72 -23.67 8.81
CA LEU A 232 12.18 -22.54 8.08
C LEU A 232 13.69 -22.43 8.08
N GLY A 233 14.40 -23.14 8.97
CA GLY A 233 15.88 -23.27 8.87
C GLY A 233 16.37 -24.28 7.83
N VAL A 234 15.43 -24.97 7.18
CA VAL A 234 15.78 -25.98 6.22
C VAL A 234 16.34 -25.30 4.99
N ALA A 235 17.44 -25.84 4.46
CA ALA A 235 18.00 -25.39 3.20
C ALA A 235 16.95 -25.39 2.09
N ASP A 236 16.93 -24.31 1.33
CA ASP A 236 16.05 -24.18 0.18
C ASP A 236 14.58 -23.96 0.56
N VAL A 237 14.34 -23.65 1.82
CA VAL A 237 13.08 -23.12 2.27
C VAL A 237 13.32 -21.64 2.46
N ASP A 238 12.56 -20.82 1.77
CA ASP A 238 12.77 -19.40 1.81
C ASP A 238 11.59 -18.73 2.46
N GLY A 239 10.79 -19.48 3.22
CA GLY A 239 9.61 -18.92 3.85
C GLY A 239 8.49 -19.93 3.95
N ALA A 240 7.26 -19.45 4.08
CA ALA A 240 6.16 -20.34 4.27
C ALA A 240 4.86 -19.78 3.70
N LEU A 241 3.98 -20.68 3.28
CA LEU A 241 2.61 -20.31 2.97
C LEU A 241 1.79 -20.89 4.08
N VAL A 242 1.41 -20.05 5.01
CA VAL A 242 0.81 -20.46 6.25
C VAL A 242 -0.71 -20.46 6.10
N GLY A 243 -1.35 -21.54 6.54
CA GLY A 243 -2.84 -21.67 6.55
C GLY A 243 -3.54 -21.16 7.81
N GLY A 244 -4.02 -22.08 8.62
CA GLY A 244 -4.77 -21.76 9.84
C GLY A 244 -4.10 -20.71 10.70
N ALA A 245 -2.80 -20.87 10.96
CA ALA A 245 -2.04 -19.96 11.77
C ALA A 245 -1.83 -18.54 11.22
N SER A 246 -2.39 -18.22 10.04
CA SER A 246 -2.39 -16.86 9.50
C SER A 246 -3.67 -16.12 9.83
N LEU A 247 -4.68 -16.83 10.32
CA LEU A 247 -5.94 -16.24 10.72
C LEU A 247 -5.87 -15.35 11.96
N LYS A 248 -4.95 -15.64 12.88
CA LYS A 248 -4.78 -14.80 14.04
C LYS A 248 -3.43 -14.16 14.03
N ALA A 249 -3.43 -12.85 14.17
CA ALA A 249 -2.26 -12.05 14.08
C ALA A 249 -1.13 -12.57 14.97
N ALA A 250 -1.44 -13.04 16.18
CA ALA A 250 -0.41 -13.45 17.15
C ALA A 250 0.24 -14.73 16.71
N ASP A 251 -0.53 -15.63 16.12
CA ASP A 251 0.03 -16.85 15.52
C ASP A 251 0.90 -16.48 14.32
N PHE A 252 0.39 -15.66 13.43
CA PHE A 252 1.20 -15.30 12.26
C PHE A 252 2.50 -14.66 12.67
N LEU A 253 2.44 -13.75 13.64
CA LEU A 253 3.61 -13.02 14.09
C LEU A 253 4.63 -13.87 14.82
N ALA A 254 4.16 -14.87 15.57
CA ALA A 254 5.07 -15.79 16.25
C ALA A 254 5.80 -16.63 15.23
N ILE A 255 5.14 -16.96 14.12
CA ILE A 255 5.88 -17.65 13.04
C ILE A 255 6.98 -16.71 12.48
N CYS A 256 6.59 -15.51 12.13
CA CYS A 256 7.54 -14.49 11.68
C CYS A 256 8.70 -14.23 12.64
N GLU A 257 8.44 -14.30 13.96
CA GLU A 257 9.48 -13.99 14.96
C GLU A 257 10.61 -15.03 14.93
N THR A 258 10.37 -16.18 14.30
CA THR A 258 11.43 -17.15 13.99
C THR A 258 12.63 -16.52 13.28
N TYR A 259 12.40 -15.43 12.57
CA TYR A 259 13.46 -14.81 11.79
C TYR A 259 14.22 -13.65 12.49
N ARG A 260 13.91 -13.39 13.77
CA ARG A 260 14.47 -12.25 14.52
C ARG A 260 16.01 -12.15 14.42
N ASN A 261 16.70 -13.28 14.40
CA ASN A 261 18.16 -13.34 14.31
C ASN A 261 18.75 -13.17 15.69
N ILE B 13 -13.91 29.09 -6.53
CA ILE B 13 -12.57 28.59 -6.06
C ILE B 13 -12.03 27.52 -7.02
N ARG B 14 -10.82 27.71 -7.54
CA ARG B 14 -10.19 26.80 -8.52
C ARG B 14 -9.63 25.53 -7.86
N PRO B 15 -9.88 24.35 -8.47
CA PRO B 15 -9.55 23.12 -7.77
C PRO B 15 -8.06 22.78 -7.80
N LEU B 16 -7.61 22.08 -6.77
CA LEU B 16 -6.19 21.70 -6.61
C LEU B 16 -6.06 20.28 -6.13
N VAL B 17 -5.28 19.51 -6.87
CA VAL B 17 -4.96 18.17 -6.43
C VAL B 17 -3.49 18.11 -6.01
N ALA B 18 -3.26 17.88 -4.73
CA ALA B 18 -1.91 17.81 -4.26
C ALA B 18 -1.61 16.36 -3.97
N GLY B 19 -0.42 15.93 -4.29
CA GLY B 19 -0.01 14.58 -4.03
C GLY B 19 1.04 14.65 -2.97
N ASN B 20 0.93 13.76 -1.99
CA ASN B 20 1.89 13.69 -0.93
C ASN B 20 2.52 12.32 -1.06
N TRP B 21 3.77 12.29 -1.52
CA TRP B 21 4.50 11.06 -1.74
C TRP B 21 5.03 10.44 -0.45
N LYS B 22 5.05 11.22 0.62
CA LYS B 22 5.59 10.80 1.88
C LYS B 22 7.05 10.38 1.69
N MET B 23 7.53 9.44 2.48
CA MET B 23 8.94 9.07 2.38
C MET B 23 9.02 7.99 1.28
N ASN B 24 8.82 8.44 0.03
CA ASN B 24 8.94 7.62 -1.17
C ASN B 24 9.42 8.55 -2.27
N GLY B 25 10.45 8.11 -2.98
CA GLY B 25 10.92 8.82 -4.15
C GLY B 25 12.43 8.99 -4.18
N LYS B 26 13.00 8.64 -5.33
CA LYS B 26 14.42 8.74 -5.61
C LYS B 26 14.53 9.10 -7.09
N GLY B 27 15.73 9.12 -7.64
CA GLY B 27 15.90 9.55 -9.05
C GLY B 27 15.00 8.77 -10.00
N GLU B 28 14.82 7.49 -9.69
CA GLU B 28 14.04 6.58 -10.51
C GLU B 28 12.59 7.06 -10.63
N SER B 29 12.10 7.75 -9.60
CA SER B 29 10.70 8.21 -9.55
C SER B 29 10.39 9.41 -10.41
N LEU B 30 11.42 10.05 -10.95
CA LEU B 30 11.22 11.30 -11.70
C LEU B 30 10.38 11.08 -12.98
N THR B 31 10.43 9.88 -13.53
CA THR B 31 9.63 9.62 -14.74
C THR B 31 8.15 9.74 -14.40
N GLU B 32 7.77 9.45 -13.14
CA GLU B 32 6.35 9.61 -12.74
C GLU B 32 5.89 11.06 -12.80
N LEU B 33 6.74 11.97 -12.37
CA LEU B 33 6.44 13.39 -12.40
C LEU B 33 6.31 13.84 -13.84
N ARG B 34 7.22 13.32 -14.65
CA ARG B 34 7.19 13.60 -16.06
C ARG B 34 5.81 13.16 -16.61
N ALA B 35 5.38 11.94 -16.29
CA ALA B 35 4.07 11.45 -16.81
C ALA B 35 2.86 12.29 -16.37
N ILE B 36 2.91 12.79 -15.14
CA ILE B 36 1.84 13.59 -14.56
C ILE B 36 1.78 14.92 -15.28
N ALA B 37 2.93 15.56 -15.47
CA ALA B 37 3.01 16.77 -16.32
C ALA B 37 2.40 16.51 -17.67
N ALA B 38 2.74 15.38 -18.26
CA ALA B 38 2.30 15.07 -19.63
C ALA B 38 0.80 14.80 -19.65
N GLY B 39 0.32 13.98 -18.71
CA GLY B 39 -1.13 13.77 -18.55
C GLY B 39 -1.97 15.02 -18.29
N LEU B 40 -1.33 16.07 -17.78
CA LEU B 40 -2.01 17.30 -17.45
C LEU B 40 -1.71 18.38 -18.47
N SER B 41 -0.81 18.07 -19.39
CA SER B 41 -0.53 18.91 -20.56
C SER B 41 -1.71 19.02 -21.57
N SER B 42 -2.88 18.47 -21.25
CA SER B 42 -4.10 18.62 -22.07
C SER B 42 -5.01 19.76 -21.57
N ASP B 43 -6.24 19.79 -22.10
CA ASP B 43 -7.28 20.77 -21.72
C ASP B 43 -7.81 20.53 -20.30
N LEU B 44 -7.67 19.28 -19.84
CA LEU B 44 -8.10 18.85 -18.51
C LEU B 44 -7.27 19.54 -17.43
N GLY B 45 -5.96 19.47 -17.58
CA GLY B 45 -5.06 20.12 -16.64
C GLY B 45 -5.09 21.63 -16.66
N ARG B 46 -5.81 22.20 -17.60
CA ARG B 46 -5.87 23.63 -17.70
C ARG B 46 -6.98 24.21 -16.85
N LYS B 47 -7.82 23.33 -16.29
CA LYS B 47 -8.92 23.70 -15.38
C LYS B 47 -8.68 23.29 -13.90
N LEU B 48 -7.45 22.88 -13.57
CA LEU B 48 -7.12 22.57 -12.18
C LEU B 48 -5.63 22.70 -11.94
N ASP B 49 -5.25 22.97 -10.70
CA ASP B 49 -3.85 23.02 -10.36
C ASP B 49 -3.44 21.69 -9.80
N ALA B 50 -2.16 21.39 -9.91
CA ALA B 50 -1.59 20.17 -9.39
C ALA B 50 -0.25 20.49 -8.74
N VAL B 51 0.01 19.83 -7.61
CA VAL B 51 1.25 19.97 -6.86
C VAL B 51 1.64 18.61 -6.38
N ILE B 52 2.90 18.25 -6.49
CA ILE B 52 3.33 16.98 -5.97
C ILE B 52 4.38 17.28 -4.91
N CYS B 53 4.15 16.78 -3.71
CA CYS B 53 5.05 17.01 -2.63
C CYS B 53 6.00 15.81 -2.47
N VAL B 54 7.27 16.06 -2.75
CA VAL B 54 8.28 15.04 -2.81
C VAL B 54 9.26 15.15 -1.67
N PRO B 55 10.03 14.09 -1.43
CA PRO B 55 11.07 14.13 -0.40
C PRO B 55 12.05 15.26 -0.68
N ALA B 56 12.56 15.87 0.37
CA ALA B 56 13.46 17.00 0.22
C ALA B 56 14.71 16.67 -0.61
N THR B 57 15.22 15.44 -0.50
CA THR B 57 16.33 15.00 -1.33
C THR B 57 16.07 15.02 -2.84
N LEU B 58 14.80 14.98 -3.25
CA LEU B 58 14.41 14.86 -4.61
C LEU B 58 13.98 16.18 -5.21
N LEU B 59 13.77 17.17 -4.38
CA LEU B 59 13.16 18.41 -4.82
C LEU B 59 13.87 19.17 -5.94
N SER B 60 15.20 19.30 -5.91
CA SER B 60 15.92 20.03 -6.96
C SER B 60 15.77 19.30 -8.28
N ARG B 61 15.92 17.98 -8.26
CA ARG B 61 15.85 17.22 -9.49
C ARG B 61 14.41 17.21 -10.01
N ALA B 62 13.44 17.17 -9.10
CA ALA B 62 12.02 17.26 -9.48
C ALA B 62 11.71 18.62 -10.11
N ALA B 63 12.26 19.68 -9.53
CA ALA B 63 12.20 21.02 -10.14
C ALA B 63 12.74 21.01 -11.58
N GLU B 64 13.93 20.45 -11.77
CA GLU B 64 14.51 20.37 -13.12
C GLU B 64 13.59 19.57 -14.05
N THR B 65 13.01 18.49 -13.52
CA THR B 65 12.17 17.60 -14.27
C THR B 65 10.92 18.36 -14.77
N LEU B 66 10.40 19.28 -13.97
CA LEU B 66 9.16 19.96 -14.27
C LEU B 66 9.36 21.37 -14.82
N GLU B 67 10.58 21.71 -15.20
CA GLU B 67 10.83 23.04 -15.69
C GLU B 67 9.84 23.44 -16.78
N GLY B 68 9.22 24.60 -16.62
CA GLY B 68 8.25 25.11 -17.61
C GLY B 68 6.83 24.59 -17.49
N GLU B 69 6.61 23.56 -16.69
CA GLU B 69 5.33 22.87 -16.67
C GLU B 69 4.44 23.50 -15.64
N THR B 70 3.16 23.21 -15.75
CA THR B 70 2.16 23.69 -14.81
C THR B 70 2.22 23.05 -13.41
N VAL B 71 2.66 21.80 -13.34
CA VAL B 71 2.65 21.01 -12.10
C VAL B 71 3.66 21.56 -11.11
N GLY B 72 3.17 22.02 -9.97
CA GLY B 72 4.03 22.61 -8.94
C GLY B 72 4.62 21.56 -8.01
N LEU B 73 5.53 22.00 -7.15
CA LEU B 73 6.30 21.14 -6.29
C LEU B 73 6.10 21.57 -4.86
N GLY B 74 5.97 20.56 -4.00
CA GLY B 74 5.84 20.75 -2.58
C GLY B 74 6.96 20.14 -1.77
N GLY B 75 7.25 20.76 -0.66
CA GLY B 75 8.03 20.10 0.40
C GLY B 75 7.01 19.42 1.30
N GLN B 76 7.49 18.59 2.19
CA GLN B 76 6.62 17.80 3.07
C GLN B 76 6.63 18.28 4.52
N ASP B 77 7.55 19.20 4.79
CA ASP B 77 7.72 19.86 6.10
C ASP B 77 8.79 20.96 5.93
N ALA B 78 8.85 21.88 6.88
CA ALA B 78 9.90 22.86 6.93
C ALA B 78 9.94 23.46 8.31
N HIS B 79 11.10 23.98 8.66
CA HIS B 79 11.35 24.53 9.94
C HIS B 79 10.73 25.91 10.11
N PHE B 80 10.78 26.41 11.33
CA PHE B 80 10.23 27.75 11.67
C PHE B 80 11.29 28.83 11.59
N LYS B 81 12.55 28.45 11.40
CA LYS B 81 13.60 29.44 11.31
C LYS B 81 14.17 29.40 9.91
N THR B 82 14.78 30.50 9.53
CA THR B 82 15.35 30.65 8.23
C THR B 82 16.66 29.82 8.15
N SER B 83 17.38 29.75 9.25
CA SER B 83 18.64 29.00 9.28
C SER B 83 19.04 28.86 10.71
N GLY B 84 20.07 28.07 10.92
CA GLY B 84 20.67 28.00 12.24
C GLY B 84 21.04 26.61 12.64
N ALA B 85 21.14 26.44 13.95
CA ALA B 85 21.66 25.24 14.50
C ALA B 85 20.57 24.21 14.69
N HIS B 86 20.14 23.64 13.59
CA HIS B 86 19.08 22.67 13.62
C HIS B 86 19.43 21.50 12.77
N THR B 87 20.33 20.67 13.28
CA THR B 87 20.89 19.61 12.45
C THR B 87 19.80 18.71 11.92
N GLY B 88 19.84 18.44 10.62
CA GLY B 88 18.84 17.55 10.00
C GLY B 88 17.56 18.28 9.57
N ASP B 89 17.39 19.54 9.98
CA ASP B 89 16.14 20.27 9.62
C ASP B 89 16.31 21.09 8.32
N ILE B 90 15.22 21.28 7.59
CA ILE B 90 15.20 22.03 6.34
C ILE B 90 14.45 23.34 6.52
N SER B 91 15.00 24.45 6.06
CA SER B 91 14.30 25.71 6.21
C SER B 91 13.42 25.92 5.01
N PRO B 92 12.31 26.62 5.22
CA PRO B 92 11.44 26.87 4.08
C PRO B 92 12.16 27.61 2.95
N GLU B 93 13.18 28.44 3.25
CA GLU B 93 13.99 29.05 2.20
C GLU B 93 14.78 28.05 1.36
N MET B 94 15.21 26.94 1.95
CA MET B 94 15.89 25.92 1.20
C MET B 94 14.91 25.24 0.26
N LEU B 95 13.71 24.97 0.75
CA LEU B 95 12.68 24.41 -0.13
C LEU B 95 12.44 25.33 -1.32
N LYS B 96 12.24 26.60 -1.03
CA LYS B 96 11.95 27.57 -2.06
C LYS B 96 13.05 27.62 -3.12
N GLU B 97 14.31 27.67 -2.70
CA GLU B 97 15.45 27.78 -3.63
C GLU B 97 15.68 26.46 -4.39
N ALA B 98 15.28 25.34 -3.84
CA ALA B 98 15.31 24.06 -4.56
C ALA B 98 14.18 23.86 -5.59
N GLY B 99 13.24 24.80 -5.65
CA GLY B 99 12.18 24.82 -6.65
C GLY B 99 10.77 24.59 -6.14
N ALA B 100 10.54 24.50 -4.85
CA ALA B 100 9.20 24.29 -4.35
C ALA B 100 8.45 25.62 -4.30
N THR B 101 7.17 25.55 -4.64
CA THR B 101 6.18 26.58 -4.36
C THR B 101 5.24 26.33 -3.13
N HIS B 102 5.11 25.08 -2.72
CA HIS B 102 4.31 24.73 -1.53
C HIS B 102 5.10 23.92 -0.49
N VAL B 103 4.50 23.76 0.70
CA VAL B 103 5.01 22.86 1.73
C VAL B 103 3.85 22.42 2.59
N ILE B 104 3.77 21.10 2.83
CA ILE B 104 2.86 20.51 3.75
C ILE B 104 3.35 20.79 5.17
N LEU B 105 2.43 21.28 5.98
CA LEU B 105 2.73 21.51 7.39
C LEU B 105 1.66 20.90 8.27
N GLY B 106 2.12 20.31 9.35
CA GLY B 106 1.19 19.72 10.29
C GLY B 106 0.50 18.40 9.95
N HIS B 107 1.00 17.66 8.99
CA HIS B 107 0.48 16.37 8.65
C HIS B 107 0.36 15.53 9.92
N SER B 108 -0.74 14.78 10.04
CA SER B 108 -0.97 13.84 11.17
C SER B 108 0.24 12.99 11.54
N GLU B 109 0.99 12.52 10.57
CA GLU B 109 2.19 11.74 10.81
C GLU B 109 3.24 12.57 11.56
N ARG B 110 3.32 13.87 11.27
CA ARG B 110 4.21 14.73 12.05
C ARG B 110 3.64 15.14 13.40
N ARG B 111 2.34 15.44 13.44
CA ARG B 111 1.70 15.76 14.68
C ARG B 111 1.76 14.61 15.64
N THR B 112 1.53 13.39 15.15
CA THR B 112 1.69 12.18 15.96
C THR B 112 3.14 11.71 16.21
N ASP B 113 3.90 11.35 15.18
CA ASP B 113 5.20 10.77 15.42
C ASP B 113 6.28 11.77 15.77
N HIS B 114 6.07 13.04 15.49
CA HIS B 114 7.10 14.02 15.78
C HIS B 114 6.65 15.02 16.80
N HIS B 115 5.50 14.73 17.41
CA HIS B 115 4.97 15.54 18.50
C HIS B 115 4.79 17.00 18.15
N GLU B 116 4.49 17.29 16.90
CA GLU B 116 4.39 18.67 16.50
C GLU B 116 3.11 19.30 17.04
N SER B 117 3.24 20.44 17.69
CA SER B 117 2.13 21.12 18.35
C SER B 117 1.49 22.18 17.43
N ASN B 118 0.30 22.66 17.78
CA ASN B 118 -0.29 23.70 16.93
C ASN B 118 0.60 24.92 16.91
N LYS B 119 1.19 25.29 18.05
CA LYS B 119 2.12 26.45 18.10
C LYS B 119 3.26 26.30 17.14
N LEU B 120 3.85 25.12 17.09
CA LEU B 120 4.97 24.84 16.17
C LEU B 120 4.55 25.02 14.72
N ILE B 121 3.42 24.44 14.38
CA ILE B 121 2.90 24.51 13.04
C ILE B 121 2.60 25.95 12.60
N CYS B 122 2.10 26.74 13.54
CA CYS B 122 1.82 28.15 13.29
C CYS B 122 3.11 28.90 13.02
N ALA B 123 4.12 28.60 13.83
CA ALA B 123 5.42 29.18 13.63
C ALA B 123 5.93 28.76 12.28
N LYS B 124 5.74 27.50 11.90
CA LYS B 124 6.23 27.03 10.62
C LYS B 124 5.48 27.71 9.48
N THR B 125 4.18 27.85 9.61
CA THR B 125 3.37 28.48 8.58
C THR B 125 3.83 29.92 8.27
N GLU B 126 4.06 30.74 9.30
CA GLU B 126 4.60 32.09 9.09
C GLU B 126 5.93 32.01 8.39
N ALA B 127 6.85 31.12 8.81
CA ALA B 127 8.10 31.07 8.11
C ALA B 127 7.88 30.66 6.65
N ALA B 128 6.96 29.72 6.38
CA ALA B 128 6.72 29.33 5.00
C ALA B 128 6.30 30.56 4.18
N TRP B 129 5.34 31.33 4.68
CA TRP B 129 4.90 32.53 3.97
C TRP B 129 6.07 33.50 3.71
N ALA B 130 6.94 33.67 4.71
CA ALA B 130 8.06 34.62 4.59
C ALA B 130 9.04 34.16 3.52
N ALA B 131 9.08 32.85 3.27
CA ALA B 131 9.95 32.26 2.22
C ALA B 131 9.35 32.30 0.82
N GLY B 132 8.12 32.74 0.70
CA GLY B 132 7.41 32.74 -0.56
C GLY B 132 6.73 31.40 -0.91
N LEU B 133 6.44 30.58 0.10
CA LEU B 133 5.73 29.30 -0.06
C LEU B 133 4.25 29.42 0.35
N VAL B 134 3.37 28.69 -0.34
CA VAL B 134 2.02 28.46 0.08
C VAL B 134 2.01 27.30 1.07
N ALA B 135 1.41 27.49 2.24
CA ALA B 135 1.42 26.45 3.26
C ALA B 135 0.17 25.62 3.07
N ILE B 136 0.34 24.30 2.95
CA ILE B 136 -0.76 23.37 3.01
C ILE B 136 -0.86 22.82 4.42
N VAL B 137 -1.80 23.34 5.17
CA VAL B 137 -1.79 23.11 6.63
C VAL B 137 -2.80 22.05 6.97
N CYS B 138 -2.35 20.99 7.62
CA CYS B 138 -3.23 19.84 7.82
C CYS B 138 -3.85 19.78 9.20
N VAL B 139 -5.12 19.40 9.23
CA VAL B 139 -5.82 19.23 10.48
C VAL B 139 -6.58 17.89 10.42
N GLY B 140 -6.97 17.35 11.58
CA GLY B 140 -7.86 16.20 11.64
C GLY B 140 -7.88 15.51 12.98
N GLU B 141 -9.00 14.88 13.30
CA GLU B 141 -9.21 14.18 14.57
C GLU B 141 -8.94 12.69 14.47
N THR B 142 -8.48 12.14 15.58
CA THR B 142 -8.21 10.70 15.74
C THR B 142 -9.49 9.94 16.08
N ALA B 143 -9.37 8.61 16.09
CA ALA B 143 -10.50 7.73 16.44
C ALA B 143 -10.89 7.97 17.90
N SER B 144 -9.90 8.15 18.76
CA SER B 144 -10.12 8.44 20.16
C SER B 144 -10.91 9.75 20.36
N GLU B 145 -10.55 10.78 19.60
CA GLU B 145 -11.25 12.07 19.68
C GLU B 145 -12.69 12.02 19.13
N ARG B 146 -12.96 11.18 18.15
CA ARG B 146 -14.33 10.94 17.71
C ARG B 146 -15.19 10.16 18.71
N LYS B 147 -14.62 9.09 19.28
CA LYS B 147 -15.32 8.33 20.29
C LYS B 147 -15.56 9.19 21.52
N ALA B 148 -14.75 10.23 21.71
CA ALA B 148 -14.96 11.19 22.78
C ALA B 148 -16.02 12.23 22.40
N GLU B 149 -16.54 12.15 21.18
CA GLU B 149 -17.49 13.15 20.65
C GLU B 149 -16.93 14.58 20.64
N ARG B 150 -15.64 14.71 20.30
CA ARG B 150 -14.97 16.00 20.27
C ARG B 150 -14.40 16.30 18.88
N ALA B 151 -14.91 15.59 17.88
CA ALA B 151 -14.37 15.67 16.52
C ALA B 151 -14.22 17.15 16.11
N LEU B 152 -15.34 17.85 16.14
CA LEU B 152 -15.38 19.22 15.66
C LEU B 152 -14.60 20.13 16.55
N ASP B 153 -14.73 19.89 17.84
CA ASP B 153 -13.95 20.57 18.82
C ASP B 153 -12.46 20.52 18.53
N VAL B 154 -11.95 19.32 18.26
CA VAL B 154 -10.53 19.16 17.94
C VAL B 154 -10.13 19.91 16.67
N ILE B 155 -10.96 19.81 15.63
CA ILE B 155 -10.63 20.43 14.34
C ILE B 155 -10.58 21.93 14.49
N GLY B 156 -11.51 22.49 15.26
CA GLY B 156 -11.49 23.94 15.56
C GLY B 156 -10.30 24.41 16.35
N ASP B 157 -9.86 23.60 17.33
CA ASP B 157 -8.67 23.94 18.14
C ASP B 157 -7.42 23.94 17.25
N GLN B 158 -7.32 22.95 16.37
CA GLN B 158 -6.21 22.85 15.44
C GLN B 158 -6.20 24.00 14.44
N LEU B 159 -7.35 24.30 13.85
CA LEU B 159 -7.43 25.43 12.94
C LEU B 159 -7.05 26.75 13.63
N SER B 160 -7.66 26.95 14.79
CA SER B 160 -7.40 28.15 15.58
C SER B 160 -5.94 28.30 16.01
N GLY B 161 -5.28 27.22 16.46
CA GLY B 161 -3.90 27.31 16.95
C GLY B 161 -2.84 27.09 15.87
N SER B 162 -3.15 26.33 14.81
CA SER B 162 -2.17 26.13 13.75
C SER B 162 -1.99 27.29 12.76
N LEU B 163 -3.05 28.08 12.55
CA LEU B 163 -3.03 29.17 11.57
C LEU B 163 -2.69 30.54 12.21
N PRO B 164 -1.73 31.26 11.64
CA PRO B 164 -1.52 32.67 12.03
C PRO B 164 -2.61 33.64 11.54
N ASP B 165 -2.55 34.88 12.03
CA ASP B 165 -3.56 35.89 11.73
C ASP B 165 -3.48 36.35 10.28
N GLY B 166 -2.27 36.32 9.74
CA GLY B 166 -2.06 36.70 8.33
C GLY B 166 -2.47 35.67 7.29
N VAL B 167 -3.39 34.78 7.59
CA VAL B 167 -3.83 33.87 6.53
C VAL B 167 -4.50 34.67 5.39
N THR B 168 -4.17 34.32 4.14
CA THR B 168 -4.86 34.80 2.93
C THR B 168 -5.27 33.58 2.10
N ALA B 169 -6.15 33.77 1.11
CA ALA B 169 -6.58 32.68 0.26
C ALA B 169 -5.45 32.23 -0.64
N GLU B 170 -4.43 33.04 -0.78
CA GLU B 170 -3.36 32.79 -1.69
C GLU B 170 -2.15 32.19 -0.96
N ASN B 171 -2.07 32.33 0.35
CA ASN B 171 -0.86 31.88 1.06
C ASN B 171 -1.07 30.61 1.87
N THR B 172 -2.34 30.18 1.99
CA THR B 172 -2.71 29.07 2.83
C THR B 172 -3.75 28.18 2.16
N ILE B 173 -3.51 26.87 2.26
CA ILE B 173 -4.45 25.83 1.86
C ILE B 173 -4.63 24.89 3.04
N ILE B 174 -5.89 24.56 3.33
CA ILE B 174 -6.17 23.66 4.42
C ILE B 174 -6.45 22.27 3.88
N ALA B 175 -5.89 21.24 4.52
CA ALA B 175 -6.27 19.87 4.22
C ALA B 175 -6.80 19.17 5.48
N TYR B 176 -7.97 18.54 5.32
CA TYR B 176 -8.60 17.75 6.36
C TYR B 176 -8.22 16.26 6.23
N GLU B 177 -7.60 15.73 7.28
CA GLU B 177 -7.22 14.33 7.34
C GLU B 177 -8.13 13.62 8.33
N PRO B 178 -8.97 12.70 7.82
CA PRO B 178 -9.78 11.90 8.71
C PRO B 178 -8.95 10.80 9.32
N VAL B 179 -8.11 11.18 10.30
CA VAL B 179 -7.05 10.35 10.92
C VAL B 179 -7.72 9.15 11.54
N TRP B 180 -8.96 9.36 11.98
CA TRP B 180 -9.71 8.30 12.62
C TRP B 180 -9.94 7.09 11.70
N ALA B 181 -9.96 7.33 10.39
CA ALA B 181 -10.21 6.26 9.41
C ALA B 181 -8.95 5.44 9.09
N ILE B 182 -7.77 5.93 9.47
CA ILE B 182 -6.55 5.26 9.07
C ILE B 182 -6.44 3.89 9.74
N GLY B 183 -6.12 2.86 8.95
CA GLY B 183 -6.01 1.50 9.50
C GLY B 183 -7.28 0.70 9.73
N THR B 184 -8.45 1.26 9.39
CA THR B 184 -9.72 0.63 9.74
C THR B 184 -10.23 -0.16 8.59
N GLY B 185 -9.83 0.22 7.39
CA GLY B 185 -10.44 -0.31 6.19
C GLY B 185 -11.77 0.34 5.78
N LEU B 186 -12.24 1.30 6.55
CA LEU B 186 -13.45 2.03 6.19
C LEU B 186 -12.97 3.34 5.58
N THR B 187 -13.65 3.83 4.57
CA THR B 187 -13.40 5.20 4.16
C THR B 187 -14.58 5.98 4.62
N PRO B 188 -14.35 7.26 5.00
CA PRO B 188 -15.45 8.16 5.36
C PRO B 188 -16.50 8.30 4.28
N THR B 189 -17.71 8.63 4.69
CA THR B 189 -18.75 8.85 3.74
C THR B 189 -18.80 10.28 3.29
N VAL B 190 -19.59 10.52 2.26
CA VAL B 190 -19.86 11.87 1.82
C VAL B 190 -20.40 12.71 2.96
N GLN B 191 -21.20 12.13 3.86
CA GLN B 191 -21.75 12.87 5.02
C GLN B 191 -20.67 13.26 6.01
N ASP B 192 -19.75 12.32 6.30
CA ASP B 192 -18.55 12.66 7.09
C ASP B 192 -17.72 13.79 6.43
N VAL B 193 -17.42 13.65 5.15
CA VAL B 193 -16.62 14.66 4.45
C VAL B 193 -17.34 16.02 4.49
N ARG B 194 -18.66 16.04 4.20
CA ARG B 194 -19.40 17.30 4.23
C ARG B 194 -19.41 17.92 5.62
N ALA B 195 -19.66 17.13 6.65
CA ALA B 195 -19.66 17.73 7.98
C ALA B 195 -18.33 18.40 8.28
N ALA B 196 -17.22 17.71 7.98
CA ALA B 196 -15.88 18.24 8.30
C ALA B 196 -15.62 19.52 7.52
N HIS B 197 -15.98 19.54 6.25
CA HIS B 197 -15.59 20.65 5.39
C HIS B 197 -16.49 21.88 5.59
N ALA B 198 -17.76 21.64 5.90
CA ALA B 198 -18.67 22.69 6.23
C ALA B 198 -18.25 23.37 7.54
N PHE B 199 -17.81 22.55 8.51
CA PHE B 199 -17.35 23.08 9.79
C PHE B 199 -16.09 23.94 9.56
N MET B 200 -15.15 23.43 8.76
CA MET B 200 -13.93 24.20 8.52
C MET B 200 -14.26 25.53 7.87
N ARG B 201 -15.12 25.49 6.85
CA ARG B 201 -15.50 26.71 6.13
C ARG B 201 -16.11 27.75 7.06
N GLU B 202 -17.13 27.34 7.81
CA GLU B 202 -17.66 28.20 8.85
C GLU B 202 -16.61 28.77 9.78
N GLN B 203 -15.70 27.96 10.29
CA GLN B 203 -14.70 28.48 11.23
C GLN B 203 -13.77 29.50 10.60
N LEU B 204 -13.30 29.19 9.39
CA LEU B 204 -12.43 30.11 8.64
C LEU B 204 -13.13 31.43 8.25
N ILE B 205 -14.43 31.40 7.94
CA ILE B 205 -15.16 32.63 7.63
C ILE B 205 -15.29 33.43 8.92
N GLU B 206 -15.63 32.77 10.00
CA GLU B 206 -15.76 33.46 11.28
C GLU B 206 -14.46 34.17 11.65
N ARG B 207 -13.30 33.50 11.52
CA ARG B 207 -12.04 34.16 11.86
C ARG B 207 -11.54 35.14 10.75
N PHE B 208 -11.51 34.70 9.52
CA PHE B 208 -10.82 35.47 8.48
C PHE B 208 -11.76 36.19 7.48
N GLY B 209 -13.06 36.15 7.72
CA GLY B 209 -14.00 36.77 6.80
C GLY B 209 -13.95 36.16 5.41
N ALA B 210 -14.07 37.04 4.41
CA ALA B 210 -14.11 36.65 3.01
C ALA B 210 -12.85 35.91 2.53
N LYS B 211 -11.70 36.15 3.13
CA LYS B 211 -10.53 35.35 2.81
C LYS B 211 -10.87 33.86 3.04
N GLY B 212 -11.60 33.60 4.13
CA GLY B 212 -11.87 32.25 4.57
C GLY B 212 -12.82 31.55 3.64
N ALA B 213 -13.72 32.33 3.02
CA ALA B 213 -14.62 31.79 2.04
C ALA B 213 -13.90 31.38 0.78
N HIS B 214 -12.71 31.92 0.53
CA HIS B 214 -11.98 31.61 -0.67
C HIS B 214 -10.86 30.63 -0.40
N LEU B 215 -10.64 30.22 0.85
CA LEU B 215 -9.54 29.35 1.17
C LEU B 215 -9.82 27.98 0.54
N ARG B 216 -8.85 27.42 -0.16
CA ARG B 216 -8.97 26.04 -0.67
C ARG B 216 -8.93 25.04 0.49
N LEU B 217 -9.99 24.24 0.59
CA LEU B 217 -10.12 23.17 1.58
C LEU B 217 -9.98 21.81 0.87
N LEU B 218 -8.86 21.14 1.08
CA LEU B 218 -8.62 19.87 0.43
C LEU B 218 -9.09 18.73 1.29
N TYR B 219 -9.67 17.71 0.69
CA TYR B 219 -9.98 16.52 1.43
C TYR B 219 -8.73 15.65 1.40
N GLY B 220 -8.31 15.18 2.56
CA GLY B 220 -7.05 14.44 2.71
C GLY B 220 -7.23 13.00 3.21
N GLY B 221 -8.45 12.48 3.18
CA GLY B 221 -8.70 11.06 3.46
C GLY B 221 -8.34 10.24 2.22
N SER B 222 -8.76 8.99 2.19
CA SER B 222 -8.37 8.11 1.09
C SER B 222 -9.09 8.59 -0.16
N VAL B 223 -8.33 9.12 -1.11
CA VAL B 223 -8.91 9.52 -2.39
C VAL B 223 -8.29 8.61 -3.44
N LYS B 224 -9.14 8.03 -4.27
CA LYS B 224 -8.68 7.07 -5.27
C LYS B 224 -9.43 7.32 -6.56
N PRO B 225 -8.87 6.84 -7.70
CA PRO B 225 -9.65 6.82 -8.92
C PRO B 225 -11.13 6.46 -8.63
N SER B 226 -11.31 5.36 -7.93
CA SER B 226 -12.61 4.79 -7.55
C SER B 226 -13.62 5.74 -6.93
N ASN B 227 -13.14 6.72 -6.16
CA ASN B 227 -14.05 7.49 -5.29
C ASN B 227 -13.95 9.01 -5.37
N ALA B 228 -13.00 9.49 -6.19
CA ALA B 228 -12.73 10.92 -6.34
C ALA B 228 -13.97 11.69 -6.84
N ALA B 229 -14.76 11.12 -7.74
CA ALA B 229 -15.88 11.87 -8.32
C ALA B 229 -16.87 12.31 -7.25
N GLU B 230 -17.29 11.37 -6.42
CA GLU B 230 -18.15 11.63 -5.27
C GLU B 230 -17.55 12.58 -4.17
N LEU B 231 -16.33 12.30 -3.70
CA LEU B 231 -15.77 13.07 -2.59
C LEU B 231 -15.53 14.52 -3.03
N LEU B 232 -15.01 14.68 -4.24
CA LEU B 232 -14.59 15.97 -4.72
C LEU B 232 -15.73 16.85 -5.18
N GLY B 233 -16.94 16.32 -5.37
CA GLY B 233 -18.12 17.13 -5.66
C GLY B 233 -18.81 17.58 -4.39
N VAL B 234 -18.26 17.22 -3.23
CA VAL B 234 -18.87 17.60 -1.96
C VAL B 234 -18.69 19.11 -1.77
N ALA B 235 -19.75 19.80 -1.36
CA ALA B 235 -19.66 21.21 -1.02
C ALA B 235 -18.49 21.50 -0.06
N ASP B 236 -17.74 22.56 -0.36
CA ASP B 236 -16.62 23.03 0.44
C ASP B 236 -15.35 22.14 0.37
N VAL B 237 -15.33 21.20 -0.56
CA VAL B 237 -14.13 20.47 -0.93
C VAL B 237 -13.61 21.07 -2.24
N ASP B 238 -12.40 21.59 -2.21
CA ASP B 238 -11.84 22.32 -3.33
C ASP B 238 -10.67 21.56 -3.89
N GLY B 239 -10.62 20.25 -3.59
CA GLY B 239 -9.60 19.39 -4.14
C GLY B 239 -9.21 18.39 -3.08
N ALA B 240 -7.98 17.88 -3.20
CA ALA B 240 -7.57 16.73 -2.44
C ALA B 240 -6.10 16.74 -2.15
N LEU B 241 -5.73 16.17 -1.02
CA LEU B 241 -4.32 15.90 -0.72
C LEU B 241 -4.26 14.41 -0.75
N VAL B 242 -3.73 13.88 -1.84
CA VAL B 242 -3.73 12.44 -2.17
C VAL B 242 -2.44 11.78 -1.65
N GLY B 243 -2.62 10.66 -0.96
CA GLY B 243 -1.51 9.81 -0.47
C GLY B 243 -1.00 8.78 -1.47
N GLY B 244 -1.29 7.52 -1.22
CA GLY B 244 -0.76 6.44 -2.06
C GLY B 244 -1.01 6.60 -3.56
N ALA B 245 -2.20 7.07 -3.91
CA ALA B 245 -2.61 7.26 -5.29
C ALA B 245 -1.87 8.38 -6.04
N SER B 246 -0.97 9.12 -5.37
CA SER B 246 -0.14 10.10 -6.02
C SER B 246 1.17 9.53 -6.47
N LEU B 247 1.51 8.31 -6.03
CA LEU B 247 2.80 7.67 -6.34
C LEU B 247 2.93 7.18 -7.76
N LYS B 248 1.80 6.92 -8.40
CA LYS B 248 1.81 6.49 -9.80
C LYS B 248 1.02 7.48 -10.59
N ALA B 249 1.60 7.90 -11.72
CA ALA B 249 1.03 8.95 -12.51
C ALA B 249 -0.39 8.65 -12.91
N ALA B 250 -0.66 7.40 -13.29
CA ALA B 250 -1.93 7.02 -13.86
C ALA B 250 -2.99 7.14 -12.77
N ASP B 251 -2.64 6.84 -11.53
CA ASP B 251 -3.63 6.98 -10.45
C ASP B 251 -3.90 8.45 -10.16
N PHE B 252 -2.85 9.26 -10.18
CA PHE B 252 -3.00 10.66 -9.88
C PHE B 252 -3.87 11.32 -10.92
N LEU B 253 -3.63 10.95 -12.19
CA LEU B 253 -4.30 11.58 -13.34
C LEU B 253 -5.78 11.19 -13.40
N ALA B 254 -6.05 9.93 -13.04
CA ALA B 254 -7.43 9.43 -12.99
C ALA B 254 -8.19 10.17 -11.91
N ILE B 255 -7.56 10.43 -10.76
CA ILE B 255 -8.18 11.39 -9.81
C ILE B 255 -8.48 12.78 -10.43
N CYS B 256 -7.49 13.40 -11.06
CA CYS B 256 -7.65 14.73 -11.68
C CYS B 256 -8.79 14.81 -12.72
N GLU B 257 -8.84 13.76 -13.56
CA GLU B 257 -9.88 13.56 -14.60
C GLU B 257 -11.31 13.72 -14.08
N THR B 258 -11.51 13.51 -12.79
CA THR B 258 -12.77 13.80 -12.11
C THR B 258 -13.28 15.19 -12.46
N TYR B 259 -12.37 16.14 -12.69
CA TYR B 259 -12.77 17.48 -13.03
C TYR B 259 -12.86 17.75 -14.57
N ARG B 260 -12.97 16.71 -15.40
CA ARG B 260 -13.39 16.90 -16.79
C ARG B 260 -14.75 16.26 -16.96
N ILE C 13 45.58 5.63 13.03
CA ILE C 13 44.19 5.99 12.53
C ILE C 13 44.19 7.26 11.68
N ARG C 14 43.78 7.12 10.43
CA ARG C 14 43.66 8.23 9.49
C ARG C 14 42.67 9.28 10.01
N PRO C 15 43.08 10.55 10.11
CA PRO C 15 42.17 11.55 10.67
C PRO C 15 41.01 11.87 9.73
N LEU C 16 39.87 12.25 10.28
CA LEU C 16 38.74 12.67 9.45
C LEU C 16 38.20 14.01 9.97
N VAL C 17 38.01 14.98 9.08
CA VAL C 17 37.44 16.28 9.46
C VAL C 17 36.12 16.36 8.75
N ALA C 18 35.05 16.42 9.53
CA ALA C 18 33.72 16.40 8.98
C ALA C 18 33.10 17.75 9.28
N GLY C 19 32.49 18.33 8.26
CA GLY C 19 31.74 19.54 8.45
C GLY C 19 30.26 19.29 8.66
N ASN C 20 29.65 19.92 9.64
CA ASN C 20 28.21 19.85 9.84
C ASN C 20 27.59 21.22 9.55
N TRP C 21 27.02 21.37 8.37
CA TRP C 21 26.46 22.67 7.95
C TRP C 21 25.17 22.99 8.72
N LYS C 22 24.62 21.97 9.36
CA LYS C 22 23.37 22.08 10.09
C LYS C 22 22.38 22.71 9.16
N MET C 23 21.51 23.60 9.62
CA MET C 23 20.43 24.12 8.71
C MET C 23 20.93 25.44 8.04
N ASN C 24 21.93 25.27 7.17
CA ASN C 24 22.54 26.37 6.37
C ASN C 24 22.98 25.78 5.04
N GLY C 25 22.80 26.48 3.95
CA GLY C 25 23.34 26.02 2.67
C GLY C 25 22.28 25.83 1.61
N LYS C 26 22.48 26.49 0.49
CA LYS C 26 21.57 26.43 -0.64
C LYS C 26 22.48 26.46 -1.85
N GLY C 27 21.87 26.53 -3.04
CA GLY C 27 22.62 26.56 -4.31
C GLY C 27 23.89 27.41 -4.31
N GLU C 28 23.77 28.64 -3.83
CA GLU C 28 24.86 29.58 -3.76
C GLU C 28 26.04 29.06 -2.91
N SER C 29 25.83 28.13 -1.98
CA SER C 29 26.94 27.74 -1.08
C SER C 29 27.84 26.68 -1.67
N LEU C 30 27.40 26.07 -2.76
CA LEU C 30 28.21 25.05 -3.44
C LEU C 30 29.64 25.53 -3.83
N THR C 31 29.81 26.84 -4.01
CA THR C 31 31.12 27.40 -4.26
C THR C 31 32.04 27.08 -3.11
N GLU C 32 31.50 27.12 -1.87
CA GLU C 32 32.29 26.77 -0.71
C GLU C 32 32.78 25.32 -0.79
N LEU C 33 31.88 24.44 -1.25
CA LEU C 33 32.22 23.05 -1.42
C LEU C 33 33.33 22.86 -2.45
N ARG C 34 33.23 23.55 -3.57
CA ARG C 34 34.27 23.44 -4.59
C ARG C 34 35.60 23.88 -4.04
N ALA C 35 35.59 24.95 -3.26
CA ALA C 35 36.81 25.49 -2.65
C ALA C 35 37.45 24.49 -1.70
N ILE C 36 36.64 23.76 -0.94
CA ILE C 36 37.18 22.81 0.04
C ILE C 36 37.87 21.68 -0.72
N ALA C 37 37.17 21.14 -1.72
CA ALA C 37 37.73 20.12 -2.60
C ALA C 37 39.09 20.52 -3.21
N ALA C 38 39.22 21.79 -3.60
CA ALA C 38 40.43 22.28 -4.25
C ALA C 38 41.58 22.36 -3.26
N GLY C 39 41.27 22.90 -2.07
CA GLY C 39 42.23 22.94 -0.98
C GLY C 39 42.77 21.59 -0.58
N LEU C 40 41.95 20.56 -0.74
CA LEU C 40 42.33 19.21 -0.39
C LEU C 40 42.75 18.36 -1.61
N SER C 41 42.94 18.98 -2.77
CA SER C 41 43.44 18.24 -3.94
C SER C 41 44.97 18.02 -3.86
N SER C 42 45.65 18.73 -2.95
CA SER C 42 47.11 18.65 -2.75
C SER C 42 47.58 17.51 -1.82
N ASP C 43 48.83 17.63 -1.36
CA ASP C 43 49.43 16.73 -0.36
C ASP C 43 48.64 16.74 0.96
N LEU C 44 47.87 17.80 1.20
CA LEU C 44 47.07 17.89 2.41
C LEU C 44 46.03 16.80 2.32
N GLY C 45 45.20 16.90 1.28
CA GLY C 45 44.16 15.93 1.00
C GLY C 45 44.50 14.47 1.21
N ARG C 46 45.77 14.10 1.08
CA ARG C 46 46.18 12.71 1.27
C ARG C 46 46.53 12.40 2.74
N LYS C 47 46.68 13.42 3.57
CA LYS C 47 46.86 13.21 5.01
C LYS C 47 45.53 12.94 5.77
N LEU C 48 44.38 13.25 5.17
CA LEU C 48 43.10 13.17 5.90
C LEU C 48 41.91 12.95 4.99
N ASP C 49 40.82 12.48 5.58
CA ASP C 49 39.57 12.39 4.87
C ASP C 49 38.77 13.59 5.29
N ALA C 50 37.88 14.02 4.41
CA ALA C 50 37.02 15.15 4.67
C ALA C 50 35.59 14.81 4.21
N VAL C 51 34.62 15.18 5.02
CA VAL C 51 33.21 14.91 4.71
C VAL C 51 32.43 16.14 5.09
N ILE C 52 31.57 16.60 4.20
CA ILE C 52 30.73 17.71 4.48
C ILE C 52 29.27 17.25 4.52
N CYS C 53 28.58 17.58 5.59
CA CYS C 53 27.21 17.10 5.81
C CYS C 53 26.30 18.31 5.55
N VAL C 54 25.61 18.26 4.44
CA VAL C 54 24.83 19.37 3.90
C VAL C 54 23.33 19.08 4.10
N PRO C 55 22.49 20.13 4.06
CA PRO C 55 21.07 19.90 4.08
C PRO C 55 20.60 18.99 2.97
N ALA C 56 19.61 18.21 3.27
CA ALA C 56 19.12 17.22 2.35
C ALA C 56 18.61 17.82 1.04
N THR C 57 18.09 19.06 1.10
CA THR C 57 17.74 19.76 -0.11
C THR C 57 18.91 19.98 -1.06
N LEU C 58 20.13 20.09 -0.52
CA LEU C 58 21.31 20.48 -1.32
C LEU C 58 22.11 19.28 -1.82
N LEU C 59 21.80 18.11 -1.30
CA LEU C 59 22.67 16.97 -1.43
C LEU C 59 22.99 16.54 -2.83
N SER C 60 21.99 16.41 -3.70
CA SER C 60 22.27 15.85 -5.04
C SER C 60 23.09 16.89 -5.80
N ARG C 61 22.81 18.19 -5.55
CA ARG C 61 23.59 19.25 -6.19
C ARG C 61 25.03 19.25 -5.68
N ALA C 62 25.19 19.06 -4.39
CA ALA C 62 26.50 18.92 -3.84
C ALA C 62 27.25 17.75 -4.46
N ALA C 63 26.60 16.60 -4.57
CA ALA C 63 27.23 15.42 -5.13
C ALA C 63 27.74 15.71 -6.54
N GLU C 64 26.97 16.45 -7.34
CA GLU C 64 27.38 16.86 -8.70
C GLU C 64 28.64 17.73 -8.68
N THR C 65 28.60 18.78 -7.88
CA THR C 65 29.73 19.66 -7.63
C THR C 65 31.00 18.89 -7.29
N LEU C 66 30.87 17.85 -6.48
CA LEU C 66 32.01 17.07 -6.01
C LEU C 66 32.28 15.80 -6.79
N GLU C 67 31.49 15.51 -7.84
CA GLU C 67 31.76 14.37 -8.74
C GLU C 67 33.24 14.31 -9.06
N GLY C 68 33.88 13.20 -8.70
CA GLY C 68 35.29 12.99 -9.01
C GLY C 68 36.27 13.61 -8.03
N GLU C 69 35.79 14.42 -7.10
CA GLU C 69 36.66 14.91 -6.03
C GLU C 69 36.62 13.84 -4.93
N THR C 70 37.50 13.93 -3.92
CA THR C 70 37.48 12.90 -2.85
C THR C 70 36.95 13.41 -1.51
N VAL C 71 36.41 14.62 -1.48
CA VAL C 71 35.60 15.10 -0.34
C VAL C 71 34.28 14.34 -0.32
N GLY C 72 33.97 13.68 0.79
CA GLY C 72 32.70 12.98 0.94
C GLY C 72 31.53 13.88 1.33
N LEU C 73 30.34 13.36 1.10
CA LEU C 73 29.10 14.05 1.42
C LEU C 73 28.33 13.25 2.46
N GLY C 74 27.79 14.00 3.43
CA GLY C 74 26.93 13.41 4.44
C GLY C 74 25.57 14.05 4.41
N GLY C 75 24.61 13.30 4.92
CA GLY C 75 23.35 13.83 5.41
C GLY C 75 23.44 14.11 6.91
N GLN C 76 22.42 14.77 7.40
CA GLN C 76 22.42 15.26 8.76
C GLN C 76 21.46 14.46 9.65
N ASP C 77 20.74 13.54 9.03
CA ASP C 77 19.79 12.67 9.73
C ASP C 77 19.16 11.77 8.66
N ALA C 78 18.50 10.73 9.11
CA ALA C 78 17.76 9.84 8.23
C ALA C 78 16.90 8.94 9.07
N HIS C 79 15.86 8.45 8.47
CA HIS C 79 14.92 7.63 9.17
C HIS C 79 15.48 6.21 9.40
N PHE C 80 14.73 5.39 10.12
CA PHE C 80 15.04 3.98 10.33
C PHE C 80 14.37 3.04 9.32
N LYS C 81 13.45 3.52 8.49
CA LYS C 81 12.84 2.70 7.44
C LYS C 81 13.34 3.14 6.08
N THR C 82 13.29 2.20 5.14
CA THR C 82 13.64 2.44 3.76
C THR C 82 12.68 3.38 2.99
N SER C 83 11.38 3.30 3.32
CA SER C 83 10.30 4.09 2.67
C SER C 83 9.06 3.94 3.54
N GLY C 84 7.96 4.67 3.23
CA GLY C 84 6.75 4.54 4.02
C GLY C 84 6.05 5.86 4.28
N ALA C 85 4.99 5.76 5.06
CA ALA C 85 4.09 6.83 5.33
C ALA C 85 4.67 7.71 6.44
N HIS C 86 5.72 8.46 6.14
CA HIS C 86 6.37 9.32 7.11
C HIS C 86 6.64 10.68 6.48
N THR C 87 5.57 11.46 6.30
CA THR C 87 5.65 12.78 5.69
C THR C 87 6.73 13.64 6.31
N GLY C 88 7.62 14.16 5.47
CA GLY C 88 8.70 15.02 5.89
C GLY C 88 9.99 14.31 6.23
N ASP C 89 10.00 12.98 6.28
CA ASP C 89 11.19 12.24 6.67
C ASP C 89 11.92 11.69 5.42
N ILE C 90 13.20 11.41 5.60
CA ILE C 90 14.10 11.05 4.52
C ILE C 90 14.75 9.73 4.87
N SER C 91 14.68 8.74 3.99
CA SER C 91 15.33 7.48 4.28
C SER C 91 16.82 7.56 4.00
N PRO C 92 17.58 6.69 4.63
CA PRO C 92 18.99 6.67 4.27
C PRO C 92 19.21 6.25 2.78
N GLU C 93 18.26 5.53 2.20
CA GLU C 93 18.41 5.15 0.79
C GLU C 93 18.29 6.34 -0.12
N MET C 94 17.49 7.33 0.29
CA MET C 94 17.45 8.59 -0.44
C MET C 94 18.76 9.34 -0.29
N LEU C 95 19.29 9.37 0.91
CA LEU C 95 20.59 10.03 1.07
C LEU C 95 21.62 9.37 0.14
N LYS C 96 21.67 8.07 0.20
CA LYS C 96 22.60 7.30 -0.62
C LYS C 96 22.39 7.60 -2.09
N GLU C 97 21.14 7.54 -2.57
CA GLU C 97 20.86 7.66 -3.97
C GLU C 97 21.14 9.07 -4.42
N ALA C 98 20.99 10.05 -3.53
CA ALA C 98 21.33 11.44 -3.87
C ALA C 98 22.84 11.68 -3.83
N GLY C 99 23.63 10.74 -3.29
CA GLY C 99 25.07 10.87 -3.33
C GLY C 99 25.84 10.92 -2.00
N ALA C 100 25.17 10.70 -0.88
CA ALA C 100 25.84 10.74 0.39
C ALA C 100 26.62 9.46 0.61
N THR C 101 27.76 9.55 1.31
CA THR C 101 28.50 8.39 1.81
C THR C 101 28.33 8.23 3.34
N HIS C 102 27.87 9.29 4.00
CA HIS C 102 27.79 9.34 5.45
C HIS C 102 26.48 9.97 5.88
N VAL C 103 26.13 9.74 7.14
CA VAL C 103 25.05 10.47 7.75
C VAL C 103 25.30 10.69 9.22
N ILE C 104 25.09 11.93 9.69
CA ILE C 104 25.08 12.23 11.11
C ILE C 104 23.76 11.68 11.72
N LEU C 105 23.90 11.00 12.86
CA LEU C 105 22.78 10.48 13.61
C LEU C 105 22.99 10.77 15.10
N GLY C 106 21.87 11.14 15.74
CA GLY C 106 21.87 11.41 17.18
C GLY C 106 22.56 12.70 17.61
N HIS C 107 22.75 13.64 16.69
CA HIS C 107 23.21 14.97 17.04
C HIS C 107 22.40 15.58 18.18
N SER C 108 23.09 16.29 19.08
CA SER C 108 22.43 16.74 20.32
C SER C 108 21.20 17.53 19.97
N GLU C 109 21.25 18.25 18.87
CA GLU C 109 20.10 19.08 18.49
C GLU C 109 18.85 18.25 18.21
N ARG C 110 19.01 17.01 17.72
CA ARG C 110 17.90 16.12 17.48
C ARG C 110 17.49 15.35 18.74
N ARG C 111 18.48 14.84 19.48
CA ARG C 111 18.19 14.26 20.77
C ARG C 111 17.36 15.18 21.63
N THR C 112 17.75 16.47 21.68
CA THR C 112 17.15 17.46 22.54
C THR C 112 15.83 17.99 21.92
N ASP C 113 15.89 18.66 20.75
CA ASP C 113 14.66 19.30 20.23
C ASP C 113 13.74 18.33 19.53
N HIS C 114 14.25 17.18 19.08
CA HIS C 114 13.38 16.22 18.45
C HIS C 114 13.15 14.99 19.30
N HIS C 115 13.65 14.98 20.53
CA HIS C 115 13.41 13.89 21.49
C HIS C 115 13.86 12.53 20.97
N GLU C 116 14.96 12.49 20.23
CA GLU C 116 15.40 11.23 19.69
C GLU C 116 16.10 10.44 20.81
N SER C 117 15.58 9.21 21.01
CA SER C 117 16.09 8.28 21.99
C SER C 117 17.27 7.48 21.47
N ASN C 118 18.03 6.88 22.38
CA ASN C 118 19.09 5.97 22.03
C ASN C 118 18.57 4.86 21.15
N LYS C 119 17.44 4.26 21.51
CA LYS C 119 16.88 3.17 20.71
C LYS C 119 16.57 3.64 19.30
N LEU C 120 16.08 4.87 19.15
CA LEU C 120 15.80 5.39 17.80
C LEU C 120 17.07 5.54 16.97
N ILE C 121 18.09 6.11 17.58
CA ILE C 121 19.40 6.27 16.95
C ILE C 121 20.04 4.93 16.58
N CYS C 122 19.90 3.94 17.45
CA CYS C 122 20.36 2.60 17.15
C CYS C 122 19.70 2.05 15.89
N ALA C 123 18.39 2.18 15.80
CA ALA C 123 17.67 1.76 14.62
C ALA C 123 18.04 2.54 13.35
N LYS C 124 18.20 3.84 13.48
CA LYS C 124 18.70 4.67 12.37
C LYS C 124 20.10 4.24 11.96
N THR C 125 20.93 3.86 12.93
CA THR C 125 22.27 3.45 12.61
C THR C 125 22.31 2.15 11.79
N GLU C 126 21.50 1.15 12.17
CA GLU C 126 21.42 -0.11 11.38
C GLU C 126 20.90 0.16 9.99
N ALA C 127 19.86 0.97 9.91
CA ALA C 127 19.30 1.27 8.60
C ALA C 127 20.29 2.03 7.71
N ALA C 128 21.11 2.92 8.30
CA ALA C 128 22.10 3.64 7.54
C ALA C 128 23.15 2.67 7.02
N TRP C 129 23.63 1.77 7.87
CA TRP C 129 24.51 0.69 7.35
C TRP C 129 23.87 -0.06 6.19
N ALA C 130 22.64 -0.50 6.38
CA ALA C 130 21.98 -1.26 5.32
C ALA C 130 21.90 -0.47 4.00
N ALA C 131 21.85 0.86 4.07
CA ALA C 131 21.76 1.67 2.87
C ALA C 131 23.12 1.97 2.26
N GLY C 132 24.18 1.53 2.95
CA GLY C 132 25.54 1.66 2.48
C GLY C 132 26.17 2.95 2.92
N LEU C 133 25.74 3.49 4.06
CA LEU C 133 26.26 4.76 4.53
C LEU C 133 27.02 4.52 5.82
N VAL C 134 28.08 5.25 6.00
CA VAL C 134 28.75 5.33 7.30
C VAL C 134 27.99 6.22 8.28
N ALA C 135 27.72 5.69 9.46
CA ALA C 135 27.07 6.46 10.49
C ALA C 135 28.07 7.27 11.28
N ILE C 136 27.78 8.58 11.40
CA ILE C 136 28.49 9.42 12.35
C ILE C 136 27.54 9.60 13.51
N VAL C 137 27.79 8.86 14.59
CA VAL C 137 26.88 8.86 15.74
C VAL C 137 27.33 9.79 16.80
N CYS C 138 26.46 10.67 17.22
CA CYS C 138 26.83 11.70 18.17
C CYS C 138 26.37 11.31 19.56
N VAL C 139 27.28 11.47 20.53
CA VAL C 139 26.96 11.38 21.97
C VAL C 139 27.40 12.64 22.65
N GLY C 140 26.94 12.90 23.86
CA GLY C 140 27.35 14.10 24.55
C GLY C 140 26.49 14.43 25.75
N GLU C 141 27.10 14.95 26.83
CA GLU C 141 26.32 15.31 28.04
C GLU C 141 25.97 16.79 28.17
N THR C 142 24.85 17.07 28.84
CA THR C 142 24.43 18.45 29.14
C THR C 142 25.19 19.06 30.29
N ALA C 143 25.01 20.37 30.44
CA ALA C 143 25.50 21.09 31.60
C ALA C 143 25.00 20.43 32.86
N SER C 144 23.71 20.25 32.99
CA SER C 144 23.21 19.67 34.24
C SER C 144 23.71 18.22 34.46
N GLU C 145 23.91 17.45 33.41
CA GLU C 145 24.46 16.13 33.58
C GLU C 145 25.94 16.20 34.06
N ARG C 146 26.69 17.17 33.52
CA ARG C 146 28.09 17.33 33.83
C ARG C 146 28.27 17.83 35.25
N LYS C 147 27.66 18.99 35.54
CA LYS C 147 27.76 19.63 36.86
C LYS C 147 27.39 18.62 37.94
N ALA C 148 26.34 17.83 37.68
CA ALA C 148 25.90 16.79 38.60
C ALA C 148 26.77 15.51 38.61
N GLU C 149 27.98 15.56 38.06
CA GLU C 149 28.90 14.46 38.19
C GLU C 149 28.43 13.17 37.49
N ARG C 150 27.68 13.30 36.40
CA ARG C 150 27.14 12.15 35.68
C ARG C 150 27.69 12.04 34.24
N ALA C 151 28.69 12.85 33.88
CA ALA C 151 29.07 12.95 32.47
C ALA C 151 29.37 11.61 31.81
N LEU C 152 30.20 10.83 32.49
CA LEU C 152 30.69 9.57 31.96
C LEU C 152 29.59 8.52 31.95
N ASP C 153 28.72 8.51 32.97
CA ASP C 153 27.57 7.59 32.99
C ASP C 153 26.70 7.83 31.73
N VAL C 154 26.43 9.09 31.44
CA VAL C 154 25.59 9.52 30.33
C VAL C 154 26.23 9.15 28.99
N ILE C 155 27.51 9.48 28.81
CA ILE C 155 28.25 9.20 27.58
C ILE C 155 28.20 7.69 27.40
N GLY C 156 28.50 6.98 28.49
CA GLY C 156 28.52 5.51 28.51
C GLY C 156 27.21 4.90 28.04
N ASP C 157 26.12 5.40 28.60
CA ASP C 157 24.76 4.94 28.28
C ASP C 157 24.32 5.29 26.85
N GLN C 158 24.68 6.46 26.35
CA GLN C 158 24.43 6.79 24.96
C GLN C 158 25.23 5.89 24.02
N LEU C 159 26.49 5.62 24.37
CA LEU C 159 27.29 4.76 23.51
C LEU C 159 26.70 3.34 23.46
N SER C 160 26.28 2.82 24.61
CA SER C 160 25.77 1.45 24.58
C SER C 160 24.37 1.32 23.98
N GLY C 161 23.48 2.26 24.23
CA GLY C 161 22.11 2.24 23.66
C GLY C 161 22.02 2.70 22.21
N SER C 162 22.89 3.63 21.76
CA SER C 162 22.87 4.13 20.36
C SER C 162 23.59 3.24 19.35
N LEU C 163 24.58 2.45 19.77
CA LEU C 163 25.34 1.67 18.83
C LEU C 163 24.80 0.23 18.74
N PRO C 164 24.42 -0.22 17.53
CA PRO C 164 24.02 -1.61 17.36
C PRO C 164 25.22 -2.56 17.52
N ASP C 165 24.96 -3.83 17.75
CA ASP C 165 26.03 -4.85 17.84
C ASP C 165 26.97 -4.89 16.63
N GLY C 166 26.48 -4.56 15.44
CA GLY C 166 27.29 -4.66 14.21
C GLY C 166 28.34 -3.58 13.89
N VAL C 167 28.71 -2.75 14.85
CA VAL C 167 29.72 -1.71 14.63
C VAL C 167 31.05 -2.27 14.12
N THR C 168 31.59 -1.63 13.08
CA THR C 168 32.96 -1.82 12.63
C THR C 168 33.57 -0.48 12.50
N ALA C 169 34.90 -0.45 12.51
CA ALA C 169 35.67 0.76 12.26
C ALA C 169 35.36 1.45 10.90
N GLU C 170 34.79 0.69 9.97
CA GLU C 170 34.53 1.19 8.64
C GLU C 170 33.10 1.70 8.50
N ASN C 171 32.16 1.21 9.31
CA ASN C 171 30.74 1.60 9.14
C ASN C 171 30.25 2.64 10.17
N THR C 172 31.12 2.99 11.13
CA THR C 172 30.74 3.88 12.21
C THR C 172 31.83 4.79 12.63
N ILE C 173 31.47 6.03 12.84
CA ILE C 173 32.33 7.00 13.44
C ILE C 173 31.55 7.58 14.60
N ILE C 174 32.24 7.87 15.69
CA ILE C 174 31.64 8.51 16.86
C ILE C 174 32.09 9.95 16.97
N ALA C 175 31.17 10.85 17.32
CA ALA C 175 31.55 12.21 17.60
C ALA C 175 31.10 12.55 19.00
N TYR C 176 31.99 13.17 19.78
CA TYR C 176 31.67 13.63 21.13
C TYR C 176 31.30 15.11 21.09
N GLU C 177 30.11 15.43 21.58
CA GLU C 177 29.69 16.83 21.68
C GLU C 177 29.63 17.28 23.12
N PRO C 178 30.46 18.24 23.53
CA PRO C 178 30.29 18.75 24.89
C PRO C 178 29.12 19.73 24.94
N VAL C 179 27.91 19.19 25.04
CA VAL C 179 26.71 19.99 24.95
C VAL C 179 26.68 20.92 26.14
N TRP C 180 27.31 20.45 27.23
CA TRP C 180 27.46 21.24 28.45
C TRP C 180 28.03 22.62 28.24
N ALA C 181 28.92 22.78 27.27
CA ALA C 181 29.59 24.06 27.04
C ALA C 181 28.83 24.98 26.07
N ILE C 182 27.77 24.48 25.45
CA ILE C 182 26.94 25.28 24.55
C ILE C 182 26.54 26.60 25.20
N LEU C 186 30.57 28.88 28.39
CA LEU C 186 31.69 28.00 28.75
C LEU C 186 32.41 27.45 27.49
N THR C 187 33.67 27.07 27.65
CA THR C 187 34.52 26.53 26.57
C THR C 187 35.38 25.41 27.18
N PRO C 188 35.28 24.16 26.67
CA PRO C 188 35.99 23.07 27.38
C PRO C 188 37.51 23.15 27.32
N THR C 189 38.17 22.62 28.34
CA THR C 189 39.62 22.56 28.39
C THR C 189 40.11 21.36 27.59
N VAL C 190 41.40 21.38 27.29
CA VAL C 190 42.01 20.29 26.56
C VAL C 190 41.83 19.02 27.36
N GLN C 191 41.94 19.14 28.69
CA GLN C 191 41.82 17.98 29.57
C GLN C 191 40.42 17.39 29.53
N ASP C 192 39.42 18.27 29.45
CA ASP C 192 38.04 17.83 29.27
C ASP C 192 37.93 16.90 28.09
N VAL C 193 38.52 17.30 26.98
CA VAL C 193 38.40 16.57 25.71
C VAL C 193 39.14 15.24 25.81
N ARG C 194 40.35 15.31 26.36
CA ARG C 194 41.17 14.14 26.68
C ARG C 194 40.43 13.05 27.46
N ALA C 195 39.87 13.37 28.59
CA ALA C 195 39.19 12.36 29.42
C ALA C 195 37.90 11.80 28.76
N ALA C 196 37.19 12.63 28.00
CA ALA C 196 35.95 12.19 27.33
C ALA C 196 36.32 11.19 26.24
N HIS C 197 37.27 11.57 25.41
CA HIS C 197 37.73 10.64 24.41
C HIS C 197 38.42 9.36 24.93
N ALA C 198 39.18 9.48 26.03
CA ALA C 198 39.82 8.27 26.62
C ALA C 198 38.72 7.32 27.13
N PHE C 199 37.71 7.90 27.79
CA PHE C 199 36.59 7.11 28.30
C PHE C 199 35.85 6.50 27.13
N MET C 200 35.48 7.31 26.14
CA MET C 200 34.88 6.75 24.92
C MET C 200 35.67 5.54 24.41
N ARG C 201 36.97 5.70 24.26
CA ARG C 201 37.81 4.64 23.68
C ARG C 201 37.77 3.38 24.55
N GLU C 202 37.89 3.53 25.86
CA GLU C 202 37.86 2.34 26.73
C GLU C 202 36.50 1.66 26.68
N GLN C 203 35.43 2.46 26.68
CA GLN C 203 34.07 1.92 26.54
C GLN C 203 33.87 1.13 25.29
N LEU C 204 34.40 1.61 24.16
CA LEU C 204 34.21 0.88 22.91
C LEU C 204 35.13 -0.35 22.80
N ILE C 205 36.31 -0.28 23.41
CA ILE C 205 37.16 -1.49 23.53
C ILE C 205 36.44 -2.53 24.39
N GLU C 206 36.01 -2.18 25.59
CA GLU C 206 35.21 -3.11 26.42
C GLU C 206 34.14 -3.85 25.62
N ARG C 207 33.35 -3.11 24.86
CA ARG C 207 32.24 -3.71 24.15
C ARG C 207 32.68 -4.40 22.87
N PHE C 208 33.51 -3.74 22.05
CA PHE C 208 33.73 -4.22 20.67
C PHE C 208 35.07 -4.88 20.42
N GLY C 209 35.88 -5.00 21.48
CA GLY C 209 37.25 -5.50 21.34
C GLY C 209 38.16 -4.63 20.49
N ALA C 210 38.99 -5.28 19.66
CA ALA C 210 40.03 -4.59 18.89
C ALA C 210 39.45 -3.66 17.84
N LYS C 211 38.31 -4.02 17.27
CA LYS C 211 37.55 -3.11 16.40
C LYS C 211 37.42 -1.74 17.09
N GLY C 212 37.17 -1.74 18.39
CA GLY C 212 36.89 -0.53 19.16
C GLY C 212 38.02 0.46 19.18
N ALA C 213 39.23 -0.06 19.22
CA ALA C 213 40.41 0.76 19.14
C ALA C 213 40.64 1.39 17.77
N HIS C 214 39.96 0.92 16.75
CA HIS C 214 40.15 1.47 15.40
C HIS C 214 39.05 2.48 14.97
N LEU C 215 37.98 2.57 15.76
CA LEU C 215 36.89 3.51 15.53
C LEU C 215 37.35 4.96 15.63
N ARG C 216 37.07 5.73 14.58
CA ARG C 216 37.41 7.16 14.60
C ARG C 216 36.51 7.88 15.58
N LEU C 217 37.10 8.60 16.52
CA LEU C 217 36.37 9.38 17.49
C LEU C 217 36.62 10.84 17.20
N LEU C 218 35.62 11.56 16.75
CA LEU C 218 35.77 12.97 16.40
C LEU C 218 35.39 13.88 17.55
N TYR C 219 36.10 14.98 17.72
CA TYR C 219 35.70 15.92 18.74
C TYR C 219 34.73 16.86 18.04
N GLY C 220 33.55 17.06 18.64
CA GLY C 220 32.46 17.79 18.02
C GLY C 220 32.00 19.01 18.82
N GLY C 221 32.87 19.48 19.71
CA GLY C 221 32.70 20.76 20.40
C GLY C 221 33.01 21.90 19.45
N SER C 222 33.35 23.05 19.99
CA SER C 222 33.71 24.19 19.15
C SER C 222 35.06 23.90 18.56
N VAL C 223 35.10 23.82 17.24
CA VAL C 223 36.36 23.71 16.56
C VAL C 223 36.51 24.80 15.54
N LYS C 224 37.65 25.47 15.66
CA LYS C 224 37.93 26.67 14.88
C LYS C 224 39.37 26.64 14.46
N PRO C 225 39.72 27.39 13.40
CA PRO C 225 41.11 27.51 13.00
C PRO C 225 42.02 27.76 14.20
N SER C 226 41.62 28.64 15.11
CA SER C 226 42.47 29.01 16.24
C SER C 226 42.71 27.93 17.29
N ASN C 227 41.78 27.00 17.46
CA ASN C 227 41.94 25.96 18.49
C ASN C 227 42.07 24.53 17.96
N ALA C 228 42.14 24.38 16.65
CA ALA C 228 42.17 23.05 16.04
C ALA C 228 43.46 22.30 16.38
N ALA C 229 44.60 22.97 16.32
CA ALA C 229 45.86 22.22 16.55
C ALA C 229 45.93 21.61 17.96
N GLU C 230 45.55 22.38 18.97
CA GLU C 230 45.51 21.93 20.34
C GLU C 230 44.53 20.73 20.54
N LEU C 231 43.31 20.88 20.03
CA LEU C 231 42.28 19.88 20.27
C LEU C 231 42.56 18.58 19.52
N LEU C 232 43.06 18.69 18.30
CA LEU C 232 43.19 17.51 17.45
C LEU C 232 44.48 16.75 17.69
N GLY C 233 45.36 17.27 18.54
CA GLY C 233 46.56 16.56 18.95
C GLY C 233 46.30 15.70 20.17
N VAL C 234 45.09 15.76 20.74
CA VAL C 234 44.82 14.96 21.93
C VAL C 234 44.67 13.49 21.54
N ALA C 235 45.22 12.60 22.38
CA ALA C 235 45.06 11.15 22.21
C ALA C 235 43.58 10.77 22.14
N ASP C 236 43.29 9.88 21.21
CA ASP C 236 41.97 9.36 20.93
C ASP C 236 40.99 10.39 20.38
N VAL C 237 41.51 11.52 19.89
CA VAL C 237 40.74 12.41 19.04
C VAL C 237 41.26 12.23 17.65
N ASP C 238 40.43 11.62 16.79
CA ASP C 238 40.83 11.23 15.46
C ASP C 238 40.31 12.17 14.42
N GLY C 239 40.00 13.40 14.81
CA GLY C 239 39.39 14.35 13.90
C GLY C 239 38.34 15.17 14.61
N ALA C 240 37.52 15.86 13.82
CA ALA C 240 36.56 16.78 14.34
C ALA C 240 35.27 16.78 13.51
N LEU C 241 34.16 17.03 14.17
CA LEU C 241 32.90 17.33 13.53
C LEU C 241 32.72 18.79 13.77
N VAL C 242 32.99 19.56 12.73
CA VAL C 242 33.14 21.01 12.79
C VAL C 242 31.80 21.66 12.43
N GLY C 243 31.40 22.66 13.20
CA GLY C 243 30.09 23.30 12.91
C GLY C 243 30.20 24.52 12.02
N GLY C 244 30.03 25.69 12.62
CA GLY C 244 30.07 26.98 11.95
C GLY C 244 31.33 27.21 11.12
N ALA C 245 32.48 26.83 11.66
CA ALA C 245 33.70 27.01 10.91
C ALA C 245 33.75 26.14 9.63
N SER C 246 32.72 25.32 9.36
CA SER C 246 32.75 24.51 8.13
C SER C 246 31.95 25.17 7.01
N LEU C 247 31.27 26.26 7.34
CA LEU C 247 30.44 26.96 6.35
C LEU C 247 31.25 27.71 5.30
N LYS C 248 32.47 28.12 5.68
CA LYS C 248 33.39 28.80 4.79
C LYS C 248 34.67 27.96 4.59
N ALA C 249 35.03 27.78 3.34
CA ALA C 249 36.13 26.93 2.93
C ALA C 249 37.45 27.29 3.61
N ALA C 250 37.72 28.58 3.73
CA ALA C 250 38.96 29.05 4.33
C ALA C 250 39.08 28.64 5.80
N ASP C 251 37.96 28.68 6.50
CA ASP C 251 37.93 28.24 7.89
C ASP C 251 38.08 26.75 7.97
N PHE C 252 37.30 26.03 7.17
CA PHE C 252 37.43 24.59 7.15
C PHE C 252 38.85 24.10 6.79
N LEU C 253 39.40 24.66 5.72
CA LEU C 253 40.77 24.33 5.30
C LEU C 253 41.81 24.68 6.35
N ALA C 254 41.61 25.80 7.03
CA ALA C 254 42.58 26.20 8.06
C ALA C 254 42.60 25.14 9.17
N ILE C 255 41.45 24.52 9.43
CA ILE C 255 41.37 23.42 10.36
C ILE C 255 42.02 22.19 9.81
N CYS C 256 41.76 21.85 8.55
CA CYS C 256 42.45 20.72 7.93
C CYS C 256 44.00 20.83 7.93
N GLU C 257 44.49 22.07 7.78
CA GLU C 257 45.90 22.44 7.63
C GLU C 257 46.71 21.98 8.84
N THR C 258 46.02 21.95 9.99
CA THR C 258 46.52 21.36 11.22
C THR C 258 47.19 19.98 11.00
N TYR C 259 46.71 19.18 10.05
CA TYR C 259 47.33 17.86 9.82
C TYR C 259 48.49 17.86 8.83
N ARG C 260 48.99 19.02 8.43
CA ARG C 260 50.07 19.06 7.46
C ARG C 260 51.32 18.30 7.92
N ASN C 261 51.71 18.49 9.18
CA ASN C 261 52.90 17.81 9.75
C ASN C 261 54.17 18.52 9.31
N ILE D 13 -46.87 -9.27 -11.08
CA ILE D 13 -45.43 -9.50 -10.67
C ILE D 13 -44.56 -8.29 -11.02
N ARG D 14 -43.95 -7.68 -10.02
CA ARG D 14 -43.09 -6.52 -10.26
C ARG D 14 -41.84 -6.91 -11.11
N PRO D 15 -41.54 -6.16 -12.19
CA PRO D 15 -40.41 -6.53 -13.08
C PRO D 15 -39.06 -6.37 -12.38
N LEU D 16 -38.10 -7.19 -12.79
CA LEU D 16 -36.72 -7.02 -12.32
C LEU D 16 -35.78 -7.07 -13.51
N VAL D 17 -34.98 -6.02 -13.67
CA VAL D 17 -33.92 -5.99 -14.64
C VAL D 17 -32.60 -6.15 -13.88
N ALA D 18 -31.96 -7.29 -14.09
CA ALA D 18 -30.70 -7.60 -13.41
C ALA D 18 -29.60 -7.58 -14.43
N GLY D 19 -28.48 -6.99 -14.06
CA GLY D 19 -27.33 -6.95 -14.92
C GLY D 19 -26.28 -7.91 -14.42
N ASN D 20 -25.75 -8.72 -15.31
CA ASN D 20 -24.65 -9.61 -15.01
C ASN D 20 -23.35 -9.08 -15.69
N TRP D 21 -22.49 -8.46 -14.91
CA TRP D 21 -21.26 -7.91 -15.51
C TRP D 21 -20.24 -8.97 -15.90
N LYS D 22 -20.49 -10.19 -15.46
CA LYS D 22 -19.58 -11.26 -15.60
C LYS D 22 -18.17 -10.79 -15.20
N MET D 23 -17.12 -11.16 -15.92
CA MET D 23 -15.77 -10.87 -15.47
C MET D 23 -15.36 -9.57 -16.22
N ASN D 24 -16.03 -8.47 -15.83
CA ASN D 24 -15.75 -7.11 -16.27
C ASN D 24 -16.06 -6.15 -15.12
N GLY D 25 -15.31 -5.09 -14.97
CA GLY D 25 -15.60 -4.08 -13.93
C GLY D 25 -14.52 -3.98 -12.88
N LYS D 26 -13.98 -2.78 -12.74
CA LYS D 26 -13.05 -2.46 -11.68
C LYS D 26 -13.45 -1.10 -11.15
N GLY D 27 -12.57 -0.47 -10.34
CA GLY D 27 -12.83 0.88 -9.81
C GLY D 27 -13.43 1.90 -10.80
N GLU D 28 -12.85 1.98 -12.00
CA GLU D 28 -13.31 2.87 -13.07
C GLU D 28 -14.80 2.65 -13.48
N SER D 29 -15.33 1.45 -13.28
CA SER D 29 -16.65 1.13 -13.79
C SER D 29 -17.72 1.66 -12.89
N LEU D 30 -17.37 1.97 -11.65
CA LEU D 30 -18.35 2.50 -10.67
C LEU D 30 -19.19 3.68 -11.18
N THR D 31 -18.64 4.48 -12.09
CA THR D 31 -19.40 5.55 -12.70
C THR D 31 -20.63 5.03 -13.39
N GLU D 32 -20.50 3.89 -14.07
CA GLU D 32 -21.64 3.27 -14.73
C GLU D 32 -22.73 2.95 -13.68
N LEU D 33 -22.34 2.37 -12.58
CA LEU D 33 -23.28 2.10 -11.50
C LEU D 33 -23.97 3.39 -11.03
N ARG D 34 -23.22 4.46 -10.82
CA ARG D 34 -23.86 5.71 -10.39
C ARG D 34 -24.87 6.17 -11.41
N ALA D 35 -24.51 6.12 -12.70
CA ALA D 35 -25.41 6.58 -13.77
C ALA D 35 -26.68 5.72 -13.85
N ILE D 36 -26.54 4.41 -13.63
CA ILE D 36 -27.71 3.57 -13.54
C ILE D 36 -28.57 4.00 -12.34
N ALA D 37 -27.97 4.27 -11.19
CA ALA D 37 -28.72 4.75 -10.04
C ALA D 37 -29.51 6.03 -10.39
N ALA D 38 -28.81 6.96 -11.06
CA ALA D 38 -29.35 8.24 -11.45
C ALA D 38 -30.53 8.08 -12.40
N GLY D 39 -30.36 7.25 -13.43
CA GLY D 39 -31.43 6.97 -14.37
C GLY D 39 -32.68 6.36 -13.79
N LEU D 40 -32.54 5.62 -12.70
CA LEU D 40 -33.67 4.99 -12.02
C LEU D 40 -34.05 5.77 -10.75
N SER D 41 -33.47 6.97 -10.61
CA SER D 41 -33.79 7.87 -9.52
C SER D 41 -35.24 8.35 -9.57
N SER D 42 -35.89 8.30 -10.75
CA SER D 42 -37.25 8.86 -10.97
C SER D 42 -38.43 7.86 -11.02
N ASP D 43 -39.49 8.21 -11.76
CA ASP D 43 -40.70 7.38 -11.89
C ASP D 43 -40.39 6.00 -12.47
N LEU D 44 -39.43 5.94 -13.39
CA LEU D 44 -39.08 4.68 -14.05
C LEU D 44 -38.68 3.72 -12.96
N GLY D 45 -37.70 4.12 -12.16
CA GLY D 45 -37.12 3.27 -11.12
C GLY D 45 -38.07 2.88 -10.02
N ARG D 46 -39.12 3.66 -9.83
CA ARG D 46 -40.15 3.33 -8.87
C ARG D 46 -41.02 2.17 -9.36
N LYS D 47 -41.03 1.95 -10.68
CA LYS D 47 -41.82 0.91 -11.34
C LYS D 47 -41.15 -0.49 -11.42
N LEU D 48 -39.83 -0.55 -11.33
CA LEU D 48 -39.12 -1.84 -11.44
C LEU D 48 -38.02 -1.95 -10.42
N ASP D 49 -37.59 -3.18 -10.16
CA ASP D 49 -36.39 -3.40 -9.37
C ASP D 49 -35.24 -3.61 -10.32
N ALA D 50 -34.04 -3.29 -9.87
CA ALA D 50 -32.87 -3.47 -10.66
C ALA D 50 -31.72 -3.87 -9.75
N VAL D 51 -30.94 -4.84 -10.21
CA VAL D 51 -29.82 -5.40 -9.43
C VAL D 51 -28.70 -5.54 -10.41
N ILE D 52 -27.50 -5.15 -10.00
CA ILE D 52 -26.34 -5.29 -10.88
C ILE D 52 -25.39 -6.27 -10.18
N CYS D 53 -25.00 -7.31 -10.87
CA CYS D 53 -24.12 -8.32 -10.26
C CYS D 53 -22.69 -8.08 -10.76
N VAL D 54 -21.82 -7.71 -9.85
CA VAL D 54 -20.51 -7.25 -10.18
C VAL D 54 -19.50 -8.25 -9.69
N PRO D 55 -18.25 -8.15 -10.16
CA PRO D 55 -17.29 -9.06 -9.64
C PRO D 55 -17.13 -8.89 -8.15
N ALA D 56 -16.77 -9.98 -7.49
CA ALA D 56 -16.58 -9.97 -6.03
C ALA D 56 -15.52 -8.97 -5.54
N THR D 57 -14.58 -8.64 -6.41
CA THR D 57 -13.55 -7.72 -6.03
C THR D 57 -14.09 -6.30 -5.95
N LEU D 58 -15.19 -6.02 -6.64
CA LEU D 58 -15.74 -4.68 -6.72
C LEU D 58 -16.91 -4.45 -5.75
N LEU D 59 -17.42 -5.52 -5.14
CA LEU D 59 -18.71 -5.48 -4.44
C LEU D 59 -18.77 -4.47 -3.32
N SER D 60 -17.76 -4.44 -2.43
CA SER D 60 -17.88 -3.49 -1.31
C SER D 60 -17.87 -2.08 -1.86
N ARG D 61 -16.99 -1.80 -2.82
CA ARG D 61 -16.87 -0.44 -3.33
C ARG D 61 -18.19 0.00 -4.00
N ALA D 62 -18.80 -0.92 -4.73
CA ALA D 62 -20.07 -0.72 -5.36
C ALA D 62 -21.19 -0.48 -4.33
N ALA D 63 -21.17 -1.25 -3.25
CA ALA D 63 -22.12 -1.06 -2.15
C ALA D 63 -22.04 0.34 -1.53
N GLU D 64 -20.82 0.87 -1.43
CA GLU D 64 -20.63 2.27 -0.99
C GLU D 64 -21.21 3.25 -1.98
N THR D 65 -20.87 3.09 -3.25
CA THR D 65 -21.37 3.95 -4.30
C THR D 65 -22.90 3.97 -4.36
N LEU D 66 -23.50 2.82 -4.19
CA LEU D 66 -24.96 2.71 -4.25
C LEU D 66 -25.67 3.01 -2.92
N GLU D 67 -24.95 3.34 -1.85
CA GLU D 67 -25.57 3.60 -0.54
C GLU D 67 -26.74 4.60 -0.70
N GLY D 68 -27.93 4.21 -0.28
CA GLY D 68 -29.13 5.04 -0.41
C GLY D 68 -29.76 5.13 -1.80
N GLU D 69 -29.41 4.22 -2.70
CA GLU D 69 -30.07 4.18 -4.02
C GLU D 69 -31.02 2.96 -4.08
N THR D 70 -31.91 2.94 -5.07
CA THR D 70 -32.84 1.82 -5.29
C THR D 70 -32.11 0.55 -5.82
N VAL D 71 -31.02 0.77 -6.53
CA VAL D 71 -30.32 -0.32 -7.24
C VAL D 71 -29.69 -1.35 -6.28
N GLY D 72 -30.08 -2.61 -6.42
CA GLY D 72 -29.50 -3.71 -5.64
C GLY D 72 -28.20 -4.24 -6.23
N LEU D 73 -27.40 -4.91 -5.42
CA LEU D 73 -26.14 -5.52 -5.85
C LEU D 73 -26.15 -7.03 -5.75
N GLY D 74 -25.61 -7.70 -6.77
CA GLY D 74 -25.45 -9.14 -6.70
C GLY D 74 -24.00 -9.55 -6.76
N GLY D 75 -23.73 -10.75 -6.27
CA GLY D 75 -22.56 -11.49 -6.68
C GLY D 75 -22.91 -12.42 -7.85
N GLN D 76 -21.89 -13.01 -8.43
CA GLN D 76 -22.05 -13.85 -9.60
C GLN D 76 -21.87 -15.32 -9.31
N ASP D 77 -21.55 -15.61 -8.04
CA ASP D 77 -21.41 -16.99 -7.55
C ASP D 77 -21.12 -16.94 -6.03
N ALA D 78 -21.36 -18.05 -5.36
CA ALA D 78 -20.99 -18.19 -3.98
C ALA D 78 -20.91 -19.66 -3.64
N HIS D 79 -20.22 -19.94 -2.56
CA HIS D 79 -19.96 -21.31 -2.14
C HIS D 79 -21.19 -21.83 -1.38
N PHE D 80 -21.19 -23.12 -1.04
CA PHE D 80 -22.24 -23.75 -0.21
C PHE D 80 -21.95 -23.74 1.28
N LYS D 81 -20.71 -23.42 1.68
CA LYS D 81 -20.35 -23.28 3.08
C LYS D 81 -20.15 -21.80 3.46
N THR D 82 -20.36 -21.55 4.75
CA THR D 82 -20.13 -20.28 5.40
C THR D 82 -18.66 -19.84 5.41
N SER D 83 -17.76 -20.80 5.59
CA SER D 83 -16.31 -20.53 5.69
C SER D 83 -15.63 -21.90 5.62
N GLY D 84 -14.31 -21.93 5.50
CA GLY D 84 -13.59 -23.15 5.43
C GLY D 84 -12.34 -23.10 4.54
N ALA D 85 -11.72 -24.26 4.45
CA ALA D 85 -10.46 -24.44 3.73
C ALA D 85 -10.76 -24.54 2.22
N HIS D 86 -11.19 -23.45 1.63
CA HIS D 86 -11.57 -23.46 0.22
C HIS D 86 -10.94 -22.30 -0.51
N THR D 87 -9.64 -22.40 -0.72
CA THR D 87 -8.82 -21.32 -1.30
C THR D 87 -9.45 -20.79 -2.59
N GLY D 88 -9.64 -19.48 -2.68
CA GLY D 88 -10.18 -18.84 -3.87
C GLY D 88 -11.69 -18.79 -3.97
N ASP D 89 -12.39 -19.40 -3.03
CA ASP D 89 -13.87 -19.45 -3.06
C ASP D 89 -14.42 -18.43 -2.06
N ILE D 90 -15.63 -17.92 -2.34
CA ILE D 90 -16.23 -16.80 -1.59
C ILE D 90 -17.51 -17.30 -0.98
N SER D 91 -17.73 -17.06 0.32
CA SER D 91 -18.96 -17.53 0.92
C SER D 91 -20.10 -16.56 0.66
N PRO D 92 -21.33 -17.05 0.64
CA PRO D 92 -22.44 -16.08 0.48
C PRO D 92 -22.52 -15.06 1.62
N GLU D 93 -21.89 -15.38 2.76
CA GLU D 93 -21.90 -14.46 3.88
C GLU D 93 -20.96 -13.34 3.58
N MET D 94 -19.88 -13.67 2.91
CA MET D 94 -18.98 -12.64 2.47
C MET D 94 -19.69 -11.69 1.50
N LEU D 95 -20.46 -12.23 0.58
CA LEU D 95 -21.16 -11.39 -0.35
C LEU D 95 -22.13 -10.49 0.42
N LYS D 96 -22.92 -11.11 1.29
CA LYS D 96 -23.80 -10.37 2.12
C LYS D 96 -23.10 -9.24 2.88
N GLU D 97 -22.04 -9.55 3.61
CA GLU D 97 -21.41 -8.57 4.47
C GLU D 97 -20.78 -7.46 3.63
N ALA D 98 -20.39 -7.76 2.38
CA ALA D 98 -19.83 -6.74 1.49
C ALA D 98 -20.89 -5.87 0.84
N GLY D 99 -22.16 -6.25 0.94
CA GLY D 99 -23.23 -5.37 0.47
C GLY D 99 -24.21 -5.96 -0.52
N ALA D 100 -23.98 -7.22 -0.95
CA ALA D 100 -24.90 -7.91 -1.88
C ALA D 100 -26.27 -8.25 -1.31
N THR D 101 -27.31 -8.13 -2.13
CA THR D 101 -28.66 -8.61 -1.76
C THR D 101 -29.04 -9.87 -2.53
N HIS D 102 -28.29 -10.13 -3.61
CA HIS D 102 -28.60 -11.19 -4.53
C HIS D 102 -27.32 -11.91 -4.89
N VAL D 103 -27.45 -13.16 -5.38
CA VAL D 103 -26.35 -13.85 -6.04
C VAL D 103 -26.85 -14.72 -7.18
N ILE D 104 -26.17 -14.62 -8.33
CA ILE D 104 -26.38 -15.51 -9.45
C ILE D 104 -25.79 -16.90 -9.12
N LEU D 105 -26.61 -17.92 -9.30
CA LEU D 105 -26.17 -19.28 -9.11
C LEU D 105 -26.51 -20.17 -10.33
N GLY D 106 -25.60 -21.04 -10.64
CA GLY D 106 -25.82 -21.92 -11.79
C GLY D 106 -25.76 -21.31 -13.17
N HIS D 107 -25.14 -20.14 -13.32
CA HIS D 107 -24.94 -19.56 -14.65
C HIS D 107 -24.35 -20.59 -15.58
N SER D 108 -24.78 -20.61 -16.85
CA SER D 108 -24.26 -21.62 -17.83
C SER D 108 -22.79 -21.65 -17.87
N GLU D 109 -22.17 -20.49 -17.71
CA GLU D 109 -20.69 -20.42 -17.78
C GLU D 109 -20.07 -21.23 -16.65
N ARG D 110 -20.73 -21.31 -15.50
CA ARG D 110 -20.18 -22.11 -14.40
C ARG D 110 -20.62 -23.58 -14.50
N ARG D 111 -21.89 -23.85 -14.84
CA ARG D 111 -22.25 -25.25 -15.16
C ARG D 111 -21.35 -25.89 -16.22
N THR D 112 -21.01 -25.14 -17.26
CA THR D 112 -20.19 -25.67 -18.33
C THR D 112 -18.68 -25.64 -17.95
N ASP D 113 -18.09 -24.47 -17.72
CA ASP D 113 -16.57 -24.43 -17.55
C ASP D 113 -16.13 -24.84 -16.15
N HIS D 114 -17.04 -24.78 -15.21
CA HIS D 114 -16.69 -25.14 -13.84
C HIS D 114 -17.40 -26.40 -13.39
N HIS D 115 -18.15 -27.01 -14.32
CA HIS D 115 -18.76 -28.33 -14.11
C HIS D 115 -19.73 -28.35 -12.93
N GLU D 116 -20.42 -27.24 -12.68
CA GLU D 116 -21.25 -27.19 -11.49
C GLU D 116 -22.49 -27.99 -11.74
N SER D 117 -22.81 -28.86 -10.78
CA SER D 117 -23.89 -29.78 -10.92
C SER D 117 -25.17 -29.17 -10.35
N ASN D 118 -26.30 -29.76 -10.68
CA ASN D 118 -27.56 -29.34 -10.13
C ASN D 118 -27.53 -29.45 -8.63
N LYS D 119 -27.01 -30.57 -8.12
CA LYS D 119 -26.85 -30.75 -6.66
C LYS D 119 -26.07 -29.63 -6.00
N LEU D 120 -24.98 -29.18 -6.63
CA LEU D 120 -24.17 -28.07 -6.06
C LEU D 120 -24.92 -26.74 -6.00
N ILE D 121 -25.61 -26.45 -7.10
CA ILE D 121 -26.40 -25.26 -7.20
C ILE D 121 -27.51 -25.26 -6.17
N CYS D 122 -28.11 -26.43 -5.94
CA CYS D 122 -29.09 -26.58 -4.86
C CYS D 122 -28.50 -26.25 -3.48
N ALA D 123 -27.35 -26.83 -3.16
CA ALA D 123 -26.66 -26.54 -1.92
C ALA D 123 -26.24 -25.06 -1.84
N LYS D 124 -25.72 -24.51 -2.95
CA LYS D 124 -25.44 -23.06 -2.97
C LYS D 124 -26.70 -22.25 -2.75
N THR D 125 -27.83 -22.70 -3.32
CA THR D 125 -29.07 -21.93 -3.17
C THR D 125 -29.58 -21.84 -1.69
N GLU D 126 -29.57 -22.96 -0.98
CA GLU D 126 -29.89 -22.98 0.47
C GLU D 126 -28.94 -22.07 1.26
N ALA D 127 -27.65 -22.18 0.98
CA ALA D 127 -26.65 -21.40 1.71
C ALA D 127 -26.82 -19.90 1.45
N ALA D 128 -27.19 -19.54 0.21
CA ALA D 128 -27.49 -18.18 -0.13
C ALA D 128 -28.68 -17.67 0.69
N TRP D 129 -29.76 -18.44 0.71
CA TRP D 129 -30.93 -18.05 1.51
C TRP D 129 -30.52 -17.92 2.97
N ALA D 130 -29.73 -18.86 3.49
CA ALA D 130 -29.30 -18.78 4.86
C ALA D 130 -28.48 -17.51 5.16
N ALA D 131 -27.70 -17.02 4.20
CA ALA D 131 -26.95 -15.78 4.36
C ALA D 131 -27.74 -14.48 4.13
N GLY D 132 -29.01 -14.59 3.75
CA GLY D 132 -29.89 -13.45 3.55
C GLY D 132 -29.91 -12.96 2.12
N LEU D 133 -29.60 -13.83 1.17
CA LEU D 133 -29.52 -13.40 -0.19
C LEU D 133 -30.62 -14.01 -0.99
N VAL D 134 -31.11 -13.25 -1.95
CA VAL D 134 -31.97 -13.78 -3.02
C VAL D 134 -31.11 -14.49 -4.07
N ALA D 135 -31.46 -15.75 -4.38
CA ALA D 135 -30.77 -16.54 -5.40
C ALA D 135 -31.39 -16.31 -6.76
N ILE D 136 -30.55 -15.93 -7.72
CA ILE D 136 -30.93 -15.83 -9.11
C ILE D 136 -30.38 -17.10 -9.71
N VAL D 137 -31.24 -18.12 -9.88
CA VAL D 137 -30.81 -19.45 -10.31
C VAL D 137 -31.08 -19.61 -11.80
N CYS D 138 -30.03 -19.90 -12.52
CA CYS D 138 -30.08 -20.01 -13.97
C CYS D 138 -30.20 -21.47 -14.40
N VAL D 139 -30.95 -21.62 -15.48
CA VAL D 139 -31.18 -22.89 -16.17
C VAL D 139 -31.08 -22.61 -17.66
N GLY D 140 -30.85 -23.63 -18.47
CA GLY D 140 -30.78 -23.44 -19.88
C GLY D 140 -30.21 -24.63 -20.60
N GLU D 141 -30.69 -24.88 -21.82
CA GLU D 141 -30.22 -26.04 -22.60
C GLU D 141 -29.21 -25.67 -23.67
N THR D 142 -28.34 -26.61 -23.99
CA THR D 142 -27.30 -26.44 -25.03
C THR D 142 -27.86 -26.66 -26.42
N ALA D 143 -27.05 -26.34 -27.43
CA ALA D 143 -27.43 -26.60 -28.82
C ALA D 143 -27.72 -28.07 -29.04
N SER D 144 -26.88 -28.96 -28.59
CA SER D 144 -27.17 -30.37 -28.89
C SER D 144 -28.40 -30.88 -28.10
N GLU D 145 -28.58 -30.46 -26.85
CA GLU D 145 -29.80 -30.82 -26.10
C GLU D 145 -31.05 -30.35 -26.82
N ARG D 146 -30.96 -29.18 -27.45
CA ARG D 146 -32.04 -28.69 -28.24
C ARG D 146 -32.17 -29.43 -29.59
N LYS D 147 -31.07 -29.56 -30.32
CA LYS D 147 -31.10 -30.26 -31.62
C LYS D 147 -31.63 -31.68 -31.44
N ALA D 148 -31.28 -32.30 -30.30
CA ALA D 148 -31.79 -33.61 -29.93
C ALA D 148 -33.22 -33.61 -29.37
N GLU D 149 -33.88 -32.45 -29.35
CA GLU D 149 -35.27 -32.38 -28.90
C GLU D 149 -35.42 -32.81 -27.44
N ARG D 150 -34.46 -32.47 -26.59
CA ARG D 150 -34.58 -32.72 -25.16
C ARG D 150 -34.65 -31.39 -24.38
N ALA D 151 -35.00 -30.29 -25.04
CA ALA D 151 -34.91 -28.97 -24.39
C ALA D 151 -35.68 -28.92 -23.08
N LEU D 152 -36.92 -29.40 -23.10
CA LEU D 152 -37.81 -29.32 -21.95
C LEU D 152 -37.45 -30.30 -20.86
N ASP D 153 -37.06 -31.51 -21.23
CA ASP D 153 -36.48 -32.48 -20.31
C ASP D 153 -35.37 -31.83 -19.47
N VAL D 154 -34.37 -31.27 -20.15
CA VAL D 154 -33.22 -30.61 -19.54
C VAL D 154 -33.61 -29.40 -18.66
N ILE D 155 -34.42 -28.49 -19.16
CA ILE D 155 -34.86 -27.34 -18.35
C ILE D 155 -35.56 -27.85 -17.08
N GLY D 156 -36.41 -28.86 -17.28
CA GLY D 156 -37.19 -29.49 -16.19
C GLY D 156 -36.32 -30.14 -15.14
N ASP D 157 -35.36 -30.90 -15.61
CA ASP D 157 -34.37 -31.54 -14.71
C ASP D 157 -33.53 -30.50 -13.95
N GLN D 158 -33.10 -29.45 -14.62
CA GLN D 158 -32.31 -28.41 -13.98
C GLN D 158 -33.13 -27.74 -12.88
N LEU D 159 -34.37 -27.41 -13.21
CA LEU D 159 -35.25 -26.75 -12.26
C LEU D 159 -35.57 -27.61 -11.04
N SER D 160 -35.84 -28.88 -11.26
CA SER D 160 -36.19 -29.73 -10.13
C SER D 160 -34.90 -30.12 -9.32
N GLY D 161 -33.75 -30.24 -9.97
CA GLY D 161 -32.49 -30.55 -9.22
C GLY D 161 -31.77 -29.34 -8.58
N SER D 162 -31.88 -28.16 -9.19
CA SER D 162 -31.18 -26.94 -8.71
C SER D 162 -31.92 -26.21 -7.59
N LEU D 163 -33.23 -26.41 -7.50
CA LEU D 163 -34.03 -25.70 -6.54
C LEU D 163 -34.34 -26.55 -5.34
N PRO D 164 -34.02 -26.03 -4.15
CA PRO D 164 -34.32 -26.71 -2.90
C PRO D 164 -35.81 -26.63 -2.59
N ASP D 165 -36.29 -27.44 -1.65
CA ASP D 165 -37.72 -27.45 -1.35
C ASP D 165 -38.24 -26.10 -0.90
N GLY D 166 -37.42 -25.34 -0.19
CA GLY D 166 -37.85 -24.06 0.45
C GLY D 166 -37.94 -22.81 -0.41
N VAL D 167 -38.11 -22.97 -1.72
CA VAL D 167 -38.32 -21.82 -2.61
C VAL D 167 -39.54 -20.96 -2.25
N THR D 168 -39.36 -19.64 -2.23
CA THR D 168 -40.45 -18.67 -2.17
C THR D 168 -40.24 -17.64 -3.23
N ALA D 169 -41.31 -16.93 -3.58
CA ALA D 169 -41.23 -15.84 -4.52
C ALA D 169 -40.24 -14.75 -4.06
N GLU D 170 -39.94 -14.73 -2.76
CA GLU D 170 -39.12 -13.70 -2.19
C GLU D 170 -37.63 -14.11 -2.17
N ASN D 171 -37.33 -15.41 -2.03
CA ASN D 171 -35.94 -15.86 -1.87
C ASN D 171 -35.28 -16.44 -3.14
N THR D 172 -36.04 -16.54 -4.23
CA THR D 172 -35.56 -17.14 -5.47
C THR D 172 -36.11 -16.42 -6.69
N ILE D 173 -35.22 -16.23 -7.66
CA ILE D 173 -35.54 -15.77 -8.98
C ILE D 173 -34.95 -16.80 -9.96
N ILE D 174 -35.64 -17.10 -11.05
CA ILE D 174 -35.13 -18.01 -12.09
C ILE D 174 -34.78 -17.23 -13.34
N ALA D 175 -33.62 -17.50 -13.93
CA ALA D 175 -33.27 -16.96 -15.23
C ALA D 175 -33.08 -18.09 -16.21
N TYR D 176 -33.72 -17.96 -17.37
CA TYR D 176 -33.61 -18.89 -18.45
C TYR D 176 -32.57 -18.39 -19.42
N GLU D 177 -31.58 -19.25 -19.71
CA GLU D 177 -30.49 -18.94 -20.63
C GLU D 177 -30.57 -19.84 -21.83
N PRO D 178 -30.90 -19.30 -22.99
CA PRO D 178 -30.83 -20.22 -24.14
C PRO D 178 -29.37 -20.42 -24.55
N VAL D 179 -28.68 -21.29 -23.84
CA VAL D 179 -27.26 -21.56 -24.11
C VAL D 179 -27.14 -22.02 -25.55
N TRP D 180 -28.11 -22.77 -26.03
CA TRP D 180 -28.12 -23.25 -27.41
C TRP D 180 -27.83 -22.17 -28.45
N ALA D 181 -28.34 -20.97 -28.27
CA ALA D 181 -28.08 -19.90 -29.22
C ALA D 181 -26.68 -19.24 -29.09
N ILE D 182 -25.87 -19.61 -28.10
CA ILE D 182 -24.57 -18.92 -27.85
C ILE D 182 -23.70 -18.81 -29.11
N LEU D 186 -27.27 -18.18 -33.92
CA LEU D 186 -28.71 -18.20 -33.76
C LEU D 186 -29.17 -17.07 -32.80
N THR D 187 -30.30 -16.42 -33.09
CA THR D 187 -31.00 -15.60 -32.11
C THR D 187 -32.31 -16.30 -31.83
N PRO D 188 -32.67 -16.49 -30.53
CA PRO D 188 -33.98 -17.09 -30.28
C PRO D 188 -35.14 -16.21 -30.74
N THR D 189 -36.24 -16.86 -31.11
CA THR D 189 -37.46 -16.14 -31.43
C THR D 189 -38.29 -15.89 -30.20
N VAL D 190 -39.21 -14.96 -30.34
CA VAL D 190 -40.24 -14.70 -29.37
C VAL D 190 -40.91 -16.02 -29.03
N GLN D 191 -41.15 -16.81 -30.05
CA GLN D 191 -41.80 -18.11 -29.90
C GLN D 191 -40.99 -19.01 -28.99
N ASP D 192 -39.68 -19.07 -29.25
CA ASP D 192 -38.75 -19.83 -28.42
C ASP D 192 -38.88 -19.40 -26.98
N VAL D 193 -38.83 -18.08 -26.74
CA VAL D 193 -38.77 -17.54 -25.37
C VAL D 193 -40.07 -17.85 -24.64
N ARG D 194 -41.15 -17.60 -25.36
CA ARG D 194 -42.51 -17.86 -24.90
C ARG D 194 -42.73 -19.30 -24.40
N ALA D 195 -42.28 -20.28 -25.19
CA ALA D 195 -42.43 -21.69 -24.87
C ALA D 195 -41.51 -22.14 -23.73
N ALA D 196 -40.31 -21.55 -23.62
CA ALA D 196 -39.44 -21.90 -22.49
C ALA D 196 -40.01 -21.34 -21.20
N HIS D 197 -40.49 -20.12 -21.23
CA HIS D 197 -41.03 -19.53 -20.02
C HIS D 197 -42.39 -20.08 -19.58
N ALA D 198 -43.25 -20.42 -20.53
CA ALA D 198 -44.53 -21.07 -20.17
C ALA D 198 -44.22 -22.42 -19.50
N PHE D 199 -43.23 -23.14 -20.05
CA PHE D 199 -42.82 -24.43 -19.46
C PHE D 199 -42.29 -24.26 -18.04
N MET D 200 -41.41 -23.27 -17.85
CA MET D 200 -40.91 -22.98 -16.50
C MET D 200 -42.04 -22.67 -15.54
N ARG D 201 -42.96 -21.80 -15.97
CA ARG D 201 -44.06 -21.44 -15.10
C ARG D 201 -44.86 -22.71 -14.73
N GLU D 202 -45.17 -23.57 -15.70
CA GLU D 202 -46.01 -24.74 -15.38
C GLU D 202 -45.21 -25.68 -14.47
N GLN D 203 -43.92 -25.92 -14.81
CA GLN D 203 -43.07 -26.72 -13.88
C GLN D 203 -43.07 -26.19 -12.46
N LEU D 204 -42.97 -24.88 -12.29
CA LEU D 204 -42.81 -24.34 -10.93
C LEU D 204 -44.11 -24.38 -10.15
N ILE D 205 -45.23 -24.08 -10.84
CA ILE D 205 -46.55 -24.23 -10.22
C ILE D 205 -46.79 -25.69 -9.78
N GLU D 206 -46.57 -26.68 -10.66
CA GLU D 206 -46.73 -28.10 -10.29
C GLU D 206 -46.04 -28.43 -8.97
N ARG D 207 -44.77 -28.01 -8.84
CA ARG D 207 -43.99 -28.30 -7.65
C ARG D 207 -44.29 -27.37 -6.48
N PHE D 208 -44.38 -26.07 -6.71
CA PHE D 208 -44.45 -25.13 -5.59
C PHE D 208 -45.84 -24.50 -5.38
N GLY D 209 -46.81 -24.89 -6.20
CA GLY D 209 -48.16 -24.33 -6.16
C GLY D 209 -48.21 -22.83 -6.27
N ALA D 210 -48.97 -22.24 -5.36
CA ALA D 210 -49.30 -20.83 -5.43
C ALA D 210 -48.10 -19.97 -5.73
N LYS D 211 -47.09 -20.07 -4.89
CA LYS D 211 -45.92 -19.20 -5.01
C LYS D 211 -45.17 -19.38 -6.35
N GLY D 212 -45.28 -20.54 -6.97
CA GLY D 212 -44.75 -20.78 -8.30
C GLY D 212 -45.26 -19.74 -9.28
N ALA D 213 -46.51 -19.33 -9.13
CA ALA D 213 -47.07 -18.33 -10.00
C ALA D 213 -46.45 -16.97 -9.74
N HIS D 214 -45.90 -16.77 -8.54
CA HIS D 214 -45.27 -15.47 -8.19
C HIS D 214 -43.74 -15.34 -8.39
N LEU D 215 -43.06 -16.46 -8.68
CA LEU D 215 -41.62 -16.43 -8.92
C LEU D 215 -41.30 -15.65 -10.14
N ARG D 216 -40.38 -14.68 -10.03
CA ARG D 216 -39.93 -14.02 -11.25
C ARG D 216 -39.07 -14.91 -12.17
N LEU D 217 -39.48 -14.97 -13.42
CA LEU D 217 -38.74 -15.68 -14.45
C LEU D 217 -38.13 -14.63 -15.34
N LEU D 218 -36.81 -14.53 -15.36
CA LEU D 218 -36.13 -13.56 -16.19
C LEU D 218 -35.67 -14.25 -17.45
N TYR D 219 -35.72 -13.53 -18.58
CA TYR D 219 -35.11 -14.03 -19.78
C TYR D 219 -33.61 -13.67 -19.79
N GLY D 220 -32.76 -14.66 -19.99
CA GLY D 220 -31.32 -14.49 -19.85
C GLY D 220 -30.57 -14.73 -21.15
N GLY D 221 -31.25 -14.66 -22.28
CA GLY D 221 -30.61 -14.70 -23.58
C GLY D 221 -30.03 -13.33 -23.88
N SER D 222 -29.75 -13.03 -25.14
CA SER D 222 -29.17 -11.75 -25.54
C SER D 222 -30.20 -10.63 -25.48
N VAL D 223 -30.05 -9.73 -24.50
CA VAL D 223 -30.99 -8.64 -24.33
C VAL D 223 -30.25 -7.34 -24.53
N LYS D 224 -30.84 -6.51 -25.39
CA LYS D 224 -30.28 -5.26 -25.83
C LYS D 224 -31.41 -4.26 -25.90
N PRO D 225 -31.10 -2.95 -25.90
CA PRO D 225 -32.13 -1.92 -26.14
C PRO D 225 -33.03 -2.24 -27.35
N SER D 226 -32.47 -2.64 -28.47
CA SER D 226 -33.27 -2.93 -29.66
C SER D 226 -34.24 -4.12 -29.61
N ASN D 227 -34.03 -5.09 -28.74
CA ASN D 227 -34.92 -6.23 -28.68
C ASN D 227 -35.67 -6.40 -27.38
N ALA D 228 -35.46 -5.48 -26.45
CA ALA D 228 -36.00 -5.62 -25.12
C ALA D 228 -37.51 -5.56 -25.13
N ALA D 229 -38.09 -4.60 -25.84
CA ALA D 229 -39.57 -4.48 -25.89
C ALA D 229 -40.22 -5.81 -26.32
N GLU D 230 -39.71 -6.42 -27.40
CA GLU D 230 -40.34 -7.64 -27.92
C GLU D 230 -40.13 -8.79 -26.92
N LEU D 231 -38.88 -8.99 -26.47
CA LEU D 231 -38.61 -10.10 -25.58
C LEU D 231 -39.27 -10.00 -24.22
N LEU D 232 -39.24 -8.82 -23.62
CA LEU D 232 -39.82 -8.60 -22.28
C LEU D 232 -41.34 -8.45 -22.25
N GLY D 233 -41.97 -8.40 -23.42
CA GLY D 233 -43.44 -8.32 -23.50
C GLY D 233 -44.05 -9.71 -23.59
N VAL D 234 -43.20 -10.73 -23.55
CA VAL D 234 -43.62 -12.11 -23.65
C VAL D 234 -44.19 -12.54 -22.31
N ALA D 235 -45.31 -13.26 -22.39
CA ALA D 235 -45.95 -13.83 -21.21
C ALA D 235 -45.00 -14.71 -20.46
N ASP D 236 -45.07 -14.60 -19.14
CA ASP D 236 -44.18 -15.32 -18.22
C ASP D 236 -42.68 -14.96 -18.32
N VAL D 237 -42.37 -13.80 -18.92
CA VAL D 237 -41.10 -13.14 -18.71
C VAL D 237 -41.31 -11.95 -17.78
N ASP D 238 -40.62 -11.97 -16.65
CA ASP D 238 -40.79 -10.95 -15.62
C ASP D 238 -39.63 -9.99 -15.52
N GLY D 239 -38.79 -9.97 -16.53
CA GLY D 239 -37.58 -9.16 -16.55
C GLY D 239 -36.47 -9.87 -17.31
N ALA D 240 -35.24 -9.44 -17.07
CA ALA D 240 -34.11 -9.86 -17.85
C ALA D 240 -32.87 -10.04 -16.96
N LEU D 241 -32.01 -10.91 -17.38
CA LEU D 241 -30.66 -10.97 -16.81
C LEU D 241 -29.84 -10.58 -17.96
N VAL D 242 -29.44 -9.31 -17.97
CA VAL D 242 -28.77 -8.65 -19.07
C VAL D 242 -27.26 -8.92 -18.97
N GLY D 243 -26.65 -9.32 -20.07
CA GLY D 243 -25.18 -9.48 -20.12
C GLY D 243 -24.49 -8.20 -20.49
N GLY D 244 -23.96 -8.16 -21.71
CA GLY D 244 -23.09 -7.07 -22.14
C GLY D 244 -23.75 -5.71 -22.10
N ALA D 245 -25.05 -5.68 -22.36
CA ALA D 245 -25.73 -4.43 -22.40
C ALA D 245 -25.88 -3.82 -20.99
N SER D 246 -25.37 -4.49 -19.95
CA SER D 246 -25.52 -3.90 -18.62
C SER D 246 -24.26 -3.21 -18.14
N LEU D 247 -23.21 -3.32 -18.94
CA LEU D 247 -21.93 -2.69 -18.66
C LEU D 247 -21.94 -1.19 -18.83
N LYS D 248 -22.88 -0.67 -19.65
CA LYS D 248 -22.95 0.74 -19.89
C LYS D 248 -24.34 1.19 -19.48
N ALA D 249 -24.38 2.22 -18.66
CA ALA D 249 -25.59 2.73 -18.06
C ALA D 249 -26.62 3.08 -19.11
N ALA D 250 -26.18 3.69 -20.22
CA ALA D 250 -27.12 4.04 -21.33
C ALA D 250 -27.85 2.82 -21.90
N ASP D 251 -27.14 1.71 -22.11
CA ASP D 251 -27.82 0.50 -22.63
C ASP D 251 -28.80 -0.06 -21.61
N PHE D 252 -28.32 -0.23 -20.39
CA PHE D 252 -29.11 -0.81 -19.31
C PHE D 252 -30.39 -0.03 -19.04
N LEU D 253 -30.24 1.27 -18.94
CA LEU D 253 -31.35 2.20 -18.77
C LEU D 253 -32.32 2.13 -19.93
N ALA D 254 -31.82 2.03 -21.16
CA ALA D 254 -32.76 1.89 -22.30
C ALA D 254 -33.51 0.57 -22.28
N ILE D 255 -32.90 -0.49 -21.77
CA ILE D 255 -33.63 -1.72 -21.54
C ILE D 255 -34.71 -1.49 -20.50
N CYS D 256 -34.35 -0.82 -19.39
CA CYS D 256 -35.35 -0.54 -18.34
C CYS D 256 -36.54 0.29 -18.88
N GLU D 257 -36.27 1.10 -19.91
CA GLU D 257 -37.24 2.04 -20.46
C GLU D 257 -38.49 1.33 -20.92
N THR D 258 -38.34 0.09 -21.38
CA THR D 258 -39.44 -0.87 -21.63
C THR D 258 -40.63 -0.78 -20.67
N TYR D 259 -40.36 -0.63 -19.38
CA TYR D 259 -41.42 -0.62 -18.39
C TYR D 259 -41.97 0.77 -18.09
N ARG D 260 -41.61 1.76 -18.93
CA ARG D 260 -42.18 3.10 -18.87
C ARG D 260 -43.71 3.08 -18.75
N ASN D 261 -44.36 2.36 -19.65
CA ASN D 261 -45.82 2.27 -19.74
C ASN D 261 -46.40 3.52 -20.43
#